data_7WZD
#
_entry.id   7WZD
#
_cell.length_a   54.177
_cell.length_b   90.696
_cell.length_c   164.110
_cell.angle_alpha   90.000
_cell.angle_beta   90.000
_cell.angle_gamma   90.000
#
_symmetry.space_group_name_H-M   'P 21 21 21'
#
loop_
_entity.id
_entity.type
_entity.pdbx_description
1 polymer '4,5-dihydroxyphthalate dehydrogenase'
2 non-polymer GLYCEROL
3 water water
#
_entity_poly.entity_id   1
_entity_poly.type   'polypeptide(L)'
_entity_poly.pdbx_seq_one_letter_code
;MNAGHQLRLGVAGLGRAFTLMLPTLQQDPRIKLVAACDPRGSARAQFASDFRAPVYPDIEGLASNPDVEAIYIASPHQFH
AQQARIAARHGKHVLVEKPMALSLGDCDEMIQHCRDAGVHLIVGHCHSFDTPYLSAREIVQSGELGPVRMVHALNYTDFL
YRPRRPEELRTEEGGGVVFSQAAHQVDIVRLLVGTRVRRVRAITGDWDPMRPTQGAYSALLWFEGGAFASISYNGYGHFD
SDEWCDWIGEMGGDKSPEAYGAARRKLATVGSAQEEANLKAAATYGGPGYVAAATDAQPIWHQHFGPIVVSCERGDIRPL
PDSVCVYADLAKERRSLQRPVVPRFEVIDELYHAVVNEIKPLHDGVWARATLEVCLALLDSAGSGKDVELPR
;
_entity_poly.pdbx_strand_id   A,B
#
# COMPACT_ATOMS: atom_id res chain seq x y z
N GLY A 4 -29.60 32.71 -11.06
CA GLY A 4 -30.96 32.27 -10.61
C GLY A 4 -31.13 30.77 -10.85
N HIS A 5 -32.12 30.42 -11.70
CA HIS A 5 -32.27 29.12 -12.33
C HIS A 5 -30.93 28.72 -12.91
N GLN A 6 -30.32 29.62 -13.70
CA GLN A 6 -29.02 29.36 -14.28
C GLN A 6 -27.95 30.17 -13.55
N LEU A 7 -26.96 29.45 -13.04
CA LEU A 7 -26.00 30.07 -12.15
C LEU A 7 -24.99 30.90 -12.96
N ARG A 8 -24.83 32.17 -12.58
CA ARG A 8 -24.05 33.04 -13.43
C ARG A 8 -22.65 33.09 -12.83
N LEU A 9 -21.68 32.51 -13.57
CA LEU A 9 -20.41 32.20 -12.95
C LEU A 9 -19.27 32.90 -13.66
N GLY A 10 -18.44 33.56 -12.83
CA GLY A 10 -17.15 34.09 -13.23
C GLY A 10 -16.03 33.08 -12.98
N VAL A 11 -14.93 33.20 -13.77
CA VAL A 11 -13.74 32.38 -13.65
C VAL A 11 -12.54 33.30 -13.48
N ALA A 12 -11.79 33.16 -12.38
CA ALA A 12 -10.58 33.93 -12.14
C ALA A 12 -9.35 33.02 -12.34
N GLY A 13 -8.61 33.25 -13.44
CA GLY A 13 -7.35 32.57 -13.72
C GLY A 13 -7.61 31.51 -14.78
N LEU A 14 -7.14 31.75 -16.00
CA LEU A 14 -7.52 30.89 -17.11
C LEU A 14 -6.42 29.87 -17.42
N GLY A 15 -5.97 29.14 -16.39
CA GLY A 15 -4.89 28.18 -16.49
C GLY A 15 -5.34 26.73 -16.68
N ARG A 16 -4.52 25.82 -16.13
CA ARG A 16 -4.74 24.40 -16.34
C ARG A 16 -5.95 23.98 -15.53
N ALA A 17 -5.94 24.34 -14.23
CA ALA A 17 -7.05 24.03 -13.36
C ALA A 17 -8.35 24.30 -14.11
N PHE A 18 -8.43 25.50 -14.75
CA PHE A 18 -9.57 25.93 -15.53
C PHE A 18 -9.85 25.00 -16.72
N THR A 19 -8.82 24.57 -17.46
CA THR A 19 -9.09 23.79 -18.67
C THR A 19 -9.51 22.37 -18.30
N LEU A 20 -9.09 21.93 -17.10
CA LEU A 20 -9.54 20.64 -16.64
C LEU A 20 -11.02 20.71 -16.25
N MET A 21 -11.48 21.89 -15.83
CA MET A 21 -12.81 22.10 -15.28
C MET A 21 -13.79 22.45 -16.41
N LEU A 22 -13.26 22.83 -17.59
CA LEU A 22 -14.02 23.52 -18.60
C LEU A 22 -15.14 22.63 -19.14
N PRO A 23 -14.89 21.34 -19.45
CA PRO A 23 -15.95 20.44 -19.93
C PRO A 23 -17.14 20.37 -18.97
N THR A 24 -16.84 20.53 -17.68
CA THR A 24 -17.86 20.52 -16.65
C THR A 24 -18.71 21.75 -16.84
N LEU A 25 -18.05 22.90 -16.98
CA LEU A 25 -18.77 24.16 -16.94
C LEU A 25 -19.58 24.35 -18.20
N GLN A 26 -19.10 23.83 -19.33
CA GLN A 26 -19.81 23.96 -20.59
C GLN A 26 -21.03 23.07 -20.58
N GLN A 27 -20.93 21.90 -19.95
CA GLN A 27 -21.91 20.85 -20.23
C GLN A 27 -23.03 20.79 -19.20
N ASP A 28 -22.81 21.39 -18.02
CA ASP A 28 -23.81 21.38 -16.96
C ASP A 28 -24.82 22.50 -17.18
N PRO A 29 -26.10 22.21 -17.48
CA PRO A 29 -27.07 23.28 -17.81
C PRO A 29 -27.37 24.27 -16.68
N ARG A 30 -26.97 23.92 -15.45
CA ARG A 30 -27.10 24.83 -14.30
C ARG A 30 -26.09 25.97 -14.37
N ILE A 31 -25.02 25.78 -15.17
CA ILE A 31 -23.91 26.71 -15.15
C ILE A 31 -23.97 27.61 -16.38
N LYS A 32 -23.80 28.89 -16.15
CA LYS A 32 -23.58 29.85 -17.22
C LYS A 32 -22.29 30.62 -16.91
N LEU A 33 -21.39 30.62 -17.89
CA LEU A 33 -20.13 31.32 -17.81
C LEU A 33 -20.35 32.71 -18.40
N VAL A 34 -20.15 33.76 -17.56
CA VAL A 34 -20.56 35.11 -17.89
C VAL A 34 -19.38 36.07 -18.05
N ALA A 35 -18.20 35.75 -17.49
CA ALA A 35 -17.13 36.72 -17.28
C ALA A 35 -15.84 36.01 -16.82
N ALA A 36 -14.68 36.47 -17.28
CA ALA A 36 -13.44 35.88 -16.79
C ALA A 36 -12.44 36.96 -16.42
N CYS A 37 -11.45 36.61 -15.60
CA CYS A 37 -10.27 37.46 -15.55
C CYS A 37 -8.98 36.65 -15.52
N ASP A 38 -7.90 37.31 -15.94
CA ASP A 38 -6.60 36.70 -16.11
C ASP A 38 -5.60 37.81 -16.41
N PRO A 39 -4.34 37.73 -15.88
CA PRO A 39 -3.36 38.79 -16.11
C PRO A 39 -2.90 38.86 -17.57
N ARG A 40 -3.00 37.75 -18.30
CA ARG A 40 -2.46 37.78 -19.65
C ARG A 40 -3.56 37.94 -20.69
N GLY A 41 -3.40 38.98 -21.52
CA GLY A 41 -4.30 39.35 -22.60
C GLY A 41 -4.50 38.24 -23.62
N SER A 42 -3.47 37.44 -23.85
CA SER A 42 -3.58 36.42 -24.87
C SER A 42 -4.73 35.48 -24.52
N ALA A 43 -4.93 35.25 -23.20
CA ALA A 43 -5.95 34.38 -22.65
C ALA A 43 -7.30 35.10 -22.57
N ARG A 44 -7.26 36.36 -22.10
CA ARG A 44 -8.43 37.24 -22.13
C ARG A 44 -8.98 37.26 -23.55
N ALA A 45 -8.15 37.59 -24.53
CA ALA A 45 -8.60 37.57 -25.91
C ALA A 45 -9.22 36.21 -26.26
N GLN A 46 -8.79 35.16 -25.55
CA GLN A 46 -9.17 33.83 -25.98
C GLN A 46 -10.55 33.47 -25.44
N PHE A 47 -10.82 33.85 -24.17
CA PHE A 47 -12.09 33.59 -23.51
C PHE A 47 -13.17 34.49 -24.09
N ALA A 48 -12.83 35.78 -24.24
CA ALA A 48 -13.75 36.74 -24.83
C ALA A 48 -14.21 36.26 -26.21
N SER A 49 -13.30 35.63 -26.96
CA SER A 49 -13.68 35.11 -28.27
C SER A 49 -14.70 33.98 -28.14
N ASP A 50 -14.36 32.94 -27.34
CA ASP A 50 -15.10 31.68 -27.29
C ASP A 50 -16.44 31.80 -26.58
N PHE A 51 -16.53 32.75 -25.64
CA PHE A 51 -17.68 32.85 -24.75
C PHE A 51 -18.42 34.19 -24.90
N ARG A 52 -17.91 35.07 -25.78
CA ARG A 52 -18.50 36.36 -26.06
C ARG A 52 -18.90 37.00 -24.75
N ALA A 53 -17.91 37.42 -23.95
CA ALA A 53 -18.19 37.79 -22.58
C ALA A 53 -17.13 38.77 -22.12
N PRO A 54 -17.41 39.65 -21.12
CA PRO A 54 -16.43 40.63 -20.65
C PRO A 54 -15.30 39.96 -19.88
N VAL A 55 -14.05 40.25 -20.27
CA VAL A 55 -12.88 39.80 -19.53
C VAL A 55 -12.17 41.01 -18.93
N TYR A 56 -11.35 40.79 -17.90
CA TYR A 56 -10.76 41.86 -17.13
C TYR A 56 -9.33 41.48 -16.76
N PRO A 57 -8.43 42.47 -16.56
CA PRO A 57 -7.08 42.19 -16.04
C PRO A 57 -7.10 41.50 -14.69
N ASP A 58 -7.99 41.90 -13.77
CA ASP A 58 -7.87 41.34 -12.43
C ASP A 58 -9.22 40.93 -11.82
N ILE A 59 -9.16 40.47 -10.55
CA ILE A 59 -10.32 40.02 -9.78
C ILE A 59 -11.26 41.21 -9.51
N GLU A 60 -10.70 42.42 -9.35
CA GLU A 60 -11.49 43.58 -8.96
C GLU A 60 -12.44 43.94 -10.10
N GLY A 61 -11.99 43.68 -11.32
CA GLY A 61 -12.79 43.87 -12.51
C GLY A 61 -13.93 42.86 -12.55
N LEU A 62 -13.59 41.59 -12.25
CA LEU A 62 -14.52 40.48 -12.37
C LEU A 62 -15.63 40.57 -11.32
N ALA A 63 -15.26 40.92 -10.08
CA ALA A 63 -16.15 40.95 -8.93
C ALA A 63 -17.02 42.22 -8.95
N SER A 64 -16.58 43.24 -9.72
CA SER A 64 -17.32 44.49 -9.81
C SER A 64 -18.48 44.37 -10.79
N ASN A 65 -18.47 43.30 -11.62
CA ASN A 65 -19.51 43.08 -12.60
C ASN A 65 -20.71 42.51 -11.85
N PRO A 66 -21.89 43.16 -11.90
CA PRO A 66 -23.02 42.71 -11.10
C PRO A 66 -23.77 41.53 -11.71
N ASP A 67 -23.43 41.16 -12.95
CA ASP A 67 -24.03 39.94 -13.49
C ASP A 67 -23.45 38.69 -12.84
N VAL A 68 -22.25 38.79 -12.25
CA VAL A 68 -21.57 37.62 -11.73
C VAL A 68 -22.21 37.25 -10.39
N GLU A 69 -22.55 35.96 -10.22
CA GLU A 69 -23.10 35.50 -8.96
C GLU A 69 -21.98 34.92 -8.10
N ALA A 70 -21.13 34.07 -8.70
CA ALA A 70 -20.06 33.39 -8.00
C ALA A 70 -18.83 33.32 -8.89
N ILE A 71 -17.64 33.26 -8.26
CA ILE A 71 -16.41 33.08 -9.02
C ILE A 71 -15.74 31.74 -8.67
N TYR A 72 -15.30 31.05 -9.73
CA TYR A 72 -14.40 29.92 -9.62
C TYR A 72 -12.96 30.42 -9.64
N ILE A 73 -12.31 30.43 -8.48
CA ILE A 73 -10.93 30.88 -8.39
C ILE A 73 -10.00 29.70 -8.76
N ALA A 74 -9.42 29.76 -9.98
CA ALA A 74 -8.51 28.75 -10.53
C ALA A 74 -7.11 29.32 -10.78
N SER A 75 -6.74 30.38 -10.05
CA SER A 75 -5.40 30.93 -10.13
C SER A 75 -4.44 30.10 -9.27
N PRO A 76 -3.12 30.38 -9.28
CA PRO A 76 -2.19 29.70 -8.38
C PRO A 76 -2.32 30.21 -6.94
N HIS A 77 -1.99 29.36 -5.97
CA HIS A 77 -2.49 29.42 -4.62
C HIS A 77 -2.05 30.66 -3.86
N GLN A 78 -0.86 31.19 -4.20
CA GLN A 78 -0.34 32.33 -3.47
C GLN A 78 -1.31 33.49 -3.64
N PHE A 79 -2.28 33.31 -4.56
CA PHE A 79 -3.23 34.35 -4.94
C PHE A 79 -4.67 34.09 -4.46
N HIS A 80 -4.90 32.92 -3.84
CA HIS A 80 -6.23 32.49 -3.44
C HIS A 80 -6.80 33.41 -2.37
N ALA A 81 -6.07 33.63 -1.28
CA ALA A 81 -6.62 34.34 -0.15
C ALA A 81 -6.97 35.78 -0.52
N GLN A 82 -6.10 36.41 -1.31
CA GLN A 82 -6.32 37.81 -1.67
C GLN A 82 -7.52 37.91 -2.61
N GLN A 83 -7.64 36.95 -3.54
CA GLN A 83 -8.71 36.90 -4.52
C GLN A 83 -10.05 36.57 -3.86
N ALA A 84 -10.03 35.66 -2.90
CA ALA A 84 -11.26 35.35 -2.16
C ALA A 84 -11.79 36.59 -1.43
N ARG A 85 -10.92 37.25 -0.65
CA ARG A 85 -11.25 38.44 0.13
C ARG A 85 -11.98 39.45 -0.77
N ILE A 86 -11.43 39.68 -1.97
CA ILE A 86 -11.98 40.58 -2.97
C ILE A 86 -13.37 40.12 -3.43
N ALA A 87 -13.48 38.85 -3.89
CA ALA A 87 -14.77 38.37 -4.37
C ALA A 87 -15.83 38.52 -3.27
N ALA A 88 -15.43 38.24 -2.02
CA ALA A 88 -16.35 38.21 -0.91
C ALA A 88 -16.75 39.63 -0.57
N ARG A 89 -15.79 40.54 -0.65
CA ARG A 89 -16.07 41.95 -0.42
C ARG A 89 -17.24 42.38 -1.31
N HIS A 90 -17.22 41.94 -2.57
CA HIS A 90 -18.25 42.29 -3.55
C HIS A 90 -19.44 41.33 -3.51
N GLY A 91 -19.49 40.46 -2.49
CA GLY A 91 -20.58 39.54 -2.22
C GLY A 91 -20.77 38.48 -3.30
N LYS A 92 -19.69 37.81 -3.71
CA LYS A 92 -19.81 36.72 -4.66
C LYS A 92 -19.34 35.45 -3.97
N HIS A 93 -20.11 34.37 -4.17
CA HIS A 93 -19.68 33.07 -3.67
C HIS A 93 -18.40 32.65 -4.41
N VAL A 94 -17.72 31.68 -3.79
CA VAL A 94 -16.32 31.35 -4.02
C VAL A 94 -16.23 29.83 -4.12
N LEU A 95 -15.81 29.33 -5.29
CA LEU A 95 -15.29 27.98 -5.43
C LEU A 95 -13.79 28.07 -5.76
N VAL A 96 -12.91 27.62 -4.84
CA VAL A 96 -11.46 27.75 -4.99
C VAL A 96 -10.89 26.38 -5.35
N GLU A 97 -10.07 26.29 -6.40
CA GLU A 97 -9.30 25.08 -6.65
C GLU A 97 -8.33 24.80 -5.51
N LYS A 98 -7.93 23.52 -5.42
CA LYS A 98 -7.01 23.05 -4.42
C LYS A 98 -5.57 23.38 -4.81
N PRO A 99 -4.66 23.62 -3.82
CA PRO A 99 -5.02 23.69 -2.41
C PRO A 99 -5.61 25.07 -2.11
N MET A 100 -6.61 25.07 -1.23
CA MET A 100 -7.26 26.29 -0.77
C MET A 100 -6.26 27.44 -0.70
N ALA A 101 -5.22 27.26 0.11
CA ALA A 101 -4.11 28.20 0.22
C ALA A 101 -2.89 27.42 0.65
N LEU A 102 -1.79 28.14 0.96
CA LEU A 102 -0.55 27.49 1.35
C LEU A 102 -0.37 27.56 2.86
N SER A 103 -1.08 28.47 3.54
CA SER A 103 -0.95 28.63 4.98
C SER A 103 -2.30 28.39 5.67
N LEU A 104 -2.29 28.11 6.98
CA LEU A 104 -3.52 27.97 7.76
C LEU A 104 -4.09 29.33 8.13
N GLY A 105 -3.22 30.31 8.37
CA GLY A 105 -3.66 31.67 8.60
C GLY A 105 -4.43 32.23 7.40
N ASP A 106 -3.92 31.95 6.19
CA ASP A 106 -4.59 32.22 4.93
C ASP A 106 -6.02 31.65 4.93
N CYS A 107 -6.16 30.41 5.41
CA CYS A 107 -7.43 29.71 5.40
C CYS A 107 -8.43 30.37 6.34
N ASP A 108 -7.97 30.70 7.56
CA ASP A 108 -8.79 31.36 8.56
C ASP A 108 -9.27 32.70 7.99
N GLU A 109 -8.37 33.42 7.33
CA GLU A 109 -8.76 34.71 6.78
C GLU A 109 -9.87 34.48 5.76
N MET A 110 -9.67 33.46 4.91
CA MET A 110 -10.63 33.14 3.87
C MET A 110 -11.98 32.75 4.45
N ILE A 111 -11.99 31.82 5.41
CA ILE A 111 -13.24 31.42 6.04
C ILE A 111 -13.94 32.63 6.64
N GLN A 112 -13.17 33.55 7.23
CA GLN A 112 -13.70 34.72 7.92
C GLN A 112 -14.30 35.72 6.94
N HIS A 113 -13.52 36.13 5.93
CA HIS A 113 -14.00 37.03 4.89
C HIS A 113 -15.30 36.52 4.26
N CYS A 114 -15.48 35.19 4.17
CA CYS A 114 -16.66 34.67 3.50
C CYS A 114 -17.87 34.66 4.41
N ARG A 115 -17.62 34.52 5.73
CA ARG A 115 -18.66 34.60 6.74
C ARG A 115 -19.20 36.02 6.81
N ASP A 116 -18.28 36.99 6.84
CA ASP A 116 -18.62 38.39 6.95
C ASP A 116 -19.52 38.82 5.81
N ALA A 117 -19.26 38.30 4.60
CA ALA A 117 -20.06 38.65 3.45
C ALA A 117 -21.33 37.81 3.35
N GLY A 118 -21.46 36.77 4.18
CA GLY A 118 -22.60 35.84 4.11
C GLY A 118 -22.65 35.06 2.80
N VAL A 119 -21.48 34.66 2.29
CA VAL A 119 -21.42 33.92 1.04
C VAL A 119 -20.78 32.57 1.33
N HIS A 120 -20.97 31.60 0.41
CA HIS A 120 -20.41 30.27 0.55
C HIS A 120 -18.96 30.20 0.06
N LEU A 121 -18.20 29.32 0.73
CA LEU A 121 -16.81 29.03 0.46
C LEU A 121 -16.68 27.52 0.30
N ILE A 122 -16.51 27.09 -0.94
CA ILE A 122 -16.36 25.69 -1.31
C ILE A 122 -14.98 25.49 -1.96
N VAL A 123 -14.26 24.42 -1.59
CA VAL A 123 -12.94 24.18 -2.16
C VAL A 123 -12.96 23.17 -3.32
N GLY A 124 -12.25 23.61 -4.38
CA GLY A 124 -12.45 23.56 -5.83
C GLY A 124 -12.83 22.19 -6.33
N HIS A 125 -12.22 21.75 -7.45
CA HIS A 125 -12.30 20.31 -7.65
C HIS A 125 -11.33 19.57 -6.72
N CYS A 126 -11.91 18.59 -6.04
CA CYS A 126 -11.22 17.69 -5.15
C CYS A 126 -11.77 16.33 -5.46
N HIS A 127 -10.88 15.36 -5.63
CA HIS A 127 -11.25 14.00 -5.91
C HIS A 127 -12.23 13.40 -4.89
N SER A 128 -12.40 14.03 -3.71
CA SER A 128 -13.27 13.46 -2.71
C SER A 128 -14.74 13.67 -3.09
N PHE A 129 -14.98 14.54 -4.07
CA PHE A 129 -16.31 14.78 -4.59
C PHE A 129 -16.77 13.63 -5.49
N ASP A 130 -15.82 12.83 -6.01
CA ASP A 130 -16.07 11.81 -7.01
C ASP A 130 -17.07 10.78 -6.46
N THR A 131 -18.05 10.30 -7.28
CA THR A 131 -19.21 9.60 -6.75
C THR A 131 -18.91 8.19 -6.22
N PRO A 132 -17.98 7.41 -6.82
CA PRO A 132 -17.54 6.16 -6.20
C PRO A 132 -17.19 6.42 -4.73
N TYR A 133 -16.34 7.41 -4.45
CA TYR A 133 -16.03 7.68 -3.06
C TYR A 133 -17.28 8.13 -2.30
N LEU A 134 -18.14 8.95 -2.93
CA LEU A 134 -19.36 9.40 -2.26
C LEU A 134 -20.24 8.20 -1.88
N SER A 135 -20.33 7.23 -2.80
CA SER A 135 -21.14 6.06 -2.65
C SER A 135 -20.64 5.18 -1.50
N ALA A 136 -19.32 4.96 -1.44
CA ALA A 136 -18.70 4.21 -0.35
C ALA A 136 -18.85 4.94 0.99
N ARG A 137 -18.78 6.28 1.00
CA ARG A 137 -19.05 7.00 2.23
C ARG A 137 -20.44 6.62 2.74
N GLU A 138 -21.36 6.33 1.81
CA GLU A 138 -22.72 6.10 2.21
C GLU A 138 -22.84 4.75 2.90
N ILE A 139 -22.10 3.78 2.36
CA ILE A 139 -22.01 2.46 2.95
C ILE A 139 -21.46 2.60 4.36
N VAL A 140 -20.38 3.38 4.52
CA VAL A 140 -19.86 3.52 5.87
C VAL A 140 -20.90 4.15 6.80
N GLN A 141 -21.60 5.20 6.32
CA GLN A 141 -22.63 5.86 7.12
C GLN A 141 -23.78 4.91 7.40
N SER A 142 -24.12 4.04 6.44
CA SER A 142 -25.32 3.24 6.60
C SER A 142 -25.15 2.25 7.77
N GLY A 143 -23.91 2.10 8.27
CA GLY A 143 -23.60 1.24 9.40
C GLY A 143 -23.53 -0.24 9.01
N GLU A 144 -23.74 -0.51 7.71
CA GLU A 144 -23.98 -1.84 7.22
C GLU A 144 -22.81 -2.76 7.54
N LEU A 145 -21.60 -2.20 7.60
CA LEU A 145 -20.35 -2.95 7.76
C LEU A 145 -19.60 -2.50 9.02
N GLY A 146 -20.29 -1.78 9.92
CA GLY A 146 -19.66 -1.25 11.11
C GLY A 146 -18.76 -0.07 10.79
N PRO A 147 -18.01 0.47 11.77
CA PRO A 147 -17.04 1.53 11.49
C PRO A 147 -15.78 1.06 10.73
N VAL A 148 -15.10 2.01 10.08
CA VAL A 148 -13.87 1.78 9.36
C VAL A 148 -12.78 1.45 10.38
N ARG A 149 -11.93 0.45 10.10
CA ARG A 149 -10.84 0.14 11.02
C ARG A 149 -9.48 0.47 10.38
N MET A 150 -9.39 0.29 9.06
CA MET A 150 -8.11 0.50 8.42
C MET A 150 -8.36 1.03 7.01
N VAL A 151 -7.54 1.97 6.55
CA VAL A 151 -7.61 2.30 5.13
C VAL A 151 -6.25 2.19 4.46
N HIS A 152 -6.24 1.58 3.27
CA HIS A 152 -5.05 1.42 2.44
C HIS A 152 -5.25 2.17 1.11
N ALA A 153 -4.34 3.12 0.81
CA ALA A 153 -4.43 3.96 -0.38
C ALA A 153 -3.06 4.12 -1.05
N LEU A 154 -3.00 3.90 -2.36
CA LEU A 154 -1.75 4.06 -3.11
C LEU A 154 -2.10 4.60 -4.49
N ASN A 155 -1.10 5.14 -5.17
CA ASN A 155 -1.26 5.82 -6.45
C ASN A 155 0.11 6.04 -7.09
N TYR A 156 0.32 5.38 -8.24
CA TYR A 156 1.55 5.37 -8.99
C TYR A 156 1.28 6.08 -10.30
N THR A 157 1.81 7.31 -10.39
CA THR A 157 1.47 8.21 -11.49
C THR A 157 2.76 8.70 -12.15
N ASP A 158 2.61 9.58 -13.13
CA ASP A 158 3.71 10.21 -13.86
C ASP A 158 3.61 11.74 -13.67
N PHE A 159 3.00 12.15 -12.57
CA PHE A 159 2.69 13.55 -12.35
C PHE A 159 3.94 14.41 -12.42
N LEU A 160 5.12 13.83 -12.22
CA LEU A 160 6.32 14.63 -12.14
C LEU A 160 6.88 14.98 -13.51
N TYR A 161 6.35 14.35 -14.56
CA TYR A 161 6.91 14.43 -15.89
C TYR A 161 5.75 14.58 -16.87
N ARG A 162 4.78 15.40 -16.48
CA ARG A 162 3.72 15.77 -17.40
C ARG A 162 4.14 17.07 -18.07
N PRO A 163 4.19 17.13 -19.43
CA PRO A 163 4.46 18.39 -20.12
C PRO A 163 3.56 19.47 -19.51
N ARG A 164 4.11 20.68 -19.30
CA ARG A 164 3.27 21.82 -18.93
C ARG A 164 2.46 22.27 -20.15
N ARG A 165 1.18 22.60 -19.92
CA ARG A 165 0.22 22.88 -20.97
C ARG A 165 0.34 24.34 -21.39
N PRO A 166 -0.14 24.74 -22.61
CA PRO A 166 -0.11 26.14 -23.06
C PRO A 166 -0.62 27.16 -22.02
N GLU A 167 -1.85 26.92 -21.54
CA GLU A 167 -2.57 27.80 -20.62
C GLU A 167 -1.88 27.86 -19.24
N GLU A 168 -1.16 26.79 -18.85
CA GLU A 168 -0.63 26.62 -17.49
C GLU A 168 -0.04 27.92 -16.93
N LEU A 169 -0.62 28.41 -15.83
CA LEU A 169 -0.05 29.53 -15.10
C LEU A 169 1.03 29.04 -14.13
N ARG A 170 2.06 28.35 -14.67
CA ARG A 170 3.14 27.75 -13.90
C ARG A 170 3.69 28.78 -12.90
N GLY A 176 6.07 18.85 -6.07
CA GLY A 176 4.79 19.47 -5.73
C GLY A 176 3.64 18.46 -5.63
N VAL A 177 3.94 17.31 -5.01
CA VAL A 177 3.01 16.19 -4.91
C VAL A 177 2.29 16.26 -3.57
N VAL A 178 2.85 17.00 -2.60
CA VAL A 178 2.17 17.13 -1.32
C VAL A 178 0.95 18.08 -1.40
N PHE A 179 1.06 19.23 -2.07
CA PHE A 179 -0.08 20.14 -2.00
C PHE A 179 -1.10 19.88 -3.10
N SER A 180 -0.69 19.22 -4.20
CA SER A 180 -1.68 18.84 -5.18
C SER A 180 -2.15 17.40 -4.94
N GLN A 181 -1.20 16.48 -4.84
CA GLN A 181 -1.53 15.07 -4.97
C GLN A 181 -1.97 14.48 -3.62
N ALA A 182 -1.25 14.88 -2.56
CA ALA A 182 -1.48 14.39 -1.20
C ALA A 182 -2.79 14.94 -0.67
N ALA A 183 -3.14 16.15 -1.09
CA ALA A 183 -4.42 16.71 -0.70
C ALA A 183 -5.55 15.82 -1.18
N HIS A 184 -5.54 15.40 -2.47
CA HIS A 184 -6.57 14.50 -2.97
C HIS A 184 -6.66 13.27 -2.07
N GLN A 185 -5.51 12.65 -1.80
CA GLN A 185 -5.47 11.39 -1.08
C GLN A 185 -5.98 11.56 0.35
N VAL A 186 -5.39 12.52 1.10
CA VAL A 186 -5.82 12.84 2.46
C VAL A 186 -7.33 13.08 2.44
N ASP A 187 -7.77 13.92 1.51
CA ASP A 187 -9.16 14.28 1.42
C ASP A 187 -10.07 13.04 1.34
N ILE A 188 -9.72 12.06 0.49
CA ILE A 188 -10.53 10.85 0.34
C ILE A 188 -10.54 10.04 1.65
N VAL A 189 -9.36 9.84 2.21
CA VAL A 189 -9.30 9.09 3.46
C VAL A 189 -10.12 9.81 4.54
N ARG A 190 -10.05 11.14 4.62
CA ARG A 190 -10.92 11.87 5.55
C ARG A 190 -12.40 11.63 5.24
N LEU A 191 -12.79 11.73 3.96
CA LEU A 191 -14.19 11.50 3.60
C LEU A 191 -14.61 10.12 4.11
N LEU A 192 -13.81 9.08 3.83
CA LEU A 192 -14.30 7.75 4.03
C LEU A 192 -14.32 7.39 5.52
N VAL A 193 -13.21 7.60 6.23
CA VAL A 193 -13.13 7.27 7.66
C VAL A 193 -14.14 8.11 8.44
N GLY A 194 -14.19 9.40 8.17
CA GLY A 194 -15.30 10.15 8.72
C GLY A 194 -15.06 10.58 10.17
N THR A 195 -13.86 10.36 10.71
CA THR A 195 -13.48 11.00 11.96
C THR A 195 -12.27 11.90 11.72
N ARG A 196 -11.63 12.35 12.81
CA ARG A 196 -10.62 13.39 12.79
C ARG A 196 -9.21 12.77 12.84
N VAL A 197 -8.28 13.35 12.09
CA VAL A 197 -6.89 12.91 12.08
C VAL A 197 -6.19 13.48 13.32
N ARG A 198 -5.46 12.62 14.03
CA ARG A 198 -4.93 12.93 15.35
C ARG A 198 -3.41 12.94 15.30
N ARG A 199 -2.83 12.11 14.42
CA ARG A 199 -1.39 11.96 14.30
C ARG A 199 -0.99 11.47 12.90
N VAL A 200 0.14 11.99 12.41
CA VAL A 200 0.66 11.72 11.09
C VAL A 200 2.15 11.40 11.21
N ARG A 201 2.64 10.44 10.43
CA ARG A 201 4.08 10.17 10.31
C ARG A 201 4.37 9.74 8.87
N ALA A 202 5.35 10.39 8.24
CA ALA A 202 5.54 10.35 6.79
C ALA A 202 7.03 10.27 6.44
N ILE A 203 7.33 9.64 5.28
CA ILE A 203 8.65 9.71 4.67
C ILE A 203 8.48 10.25 3.24
N THR A 204 9.38 11.13 2.82
CA THR A 204 9.37 11.52 1.42
C THR A 204 10.61 10.97 0.72
N GLY A 205 10.47 10.75 -0.59
CA GLY A 205 11.61 10.47 -1.42
C GLY A 205 11.85 11.63 -2.39
N ASP A 206 13.11 11.82 -2.77
CA ASP A 206 13.53 12.83 -3.74
C ASP A 206 14.79 12.30 -4.40
N TRP A 207 14.63 11.67 -5.57
CA TRP A 207 15.74 10.89 -6.06
C TRP A 207 16.10 11.17 -7.52
N ASP A 208 15.46 12.18 -8.13
CA ASP A 208 15.87 12.65 -9.44
C ASP A 208 16.55 14.01 -9.33
N PRO A 209 17.88 14.12 -9.59
CA PRO A 209 18.57 15.40 -9.47
C PRO A 209 18.13 16.42 -10.53
N MET A 210 17.79 15.96 -11.73
CA MET A 210 17.25 16.80 -12.79
C MET A 210 16.00 17.53 -12.32
N ARG A 211 15.17 16.81 -11.56
CA ARG A 211 13.80 17.23 -11.26
C ARG A 211 13.64 17.31 -9.74
N PRO A 212 14.47 18.11 -9.03
CA PRO A 212 14.67 17.95 -7.58
C PRO A 212 13.54 18.48 -6.71
N THR A 213 12.56 17.61 -6.46
CA THR A 213 11.43 17.89 -5.60
C THR A 213 11.10 16.59 -4.86
N GLN A 214 10.17 16.64 -3.89
CA GLN A 214 9.65 15.42 -3.31
C GLN A 214 8.64 14.79 -4.24
N GLY A 215 9.00 13.68 -4.89
CA GLY A 215 8.16 13.05 -5.90
C GLY A 215 7.43 11.79 -5.43
N ALA A 216 7.57 11.46 -4.14
CA ALA A 216 7.03 10.22 -3.56
C ALA A 216 7.10 10.25 -2.04
N TYR A 217 6.14 9.54 -1.44
CA TYR A 217 6.04 9.49 0.01
C TYR A 217 5.25 8.26 0.42
N SER A 218 5.41 7.86 1.69
CA SER A 218 4.52 6.94 2.39
C SER A 218 4.24 7.55 3.77
N ALA A 219 2.99 7.42 4.25
CA ALA A 219 2.60 7.97 5.53
C ALA A 219 1.63 7.08 6.29
N LEU A 220 1.74 7.17 7.62
CA LEU A 220 0.78 6.59 8.57
C LEU A 220 -0.10 7.72 9.10
N LEU A 221 -1.37 7.43 9.35
CA LEU A 221 -2.36 8.40 9.80
C LEU A 221 -3.21 7.74 10.90
N TRP A 222 -3.32 8.42 12.06
CA TRP A 222 -4.08 7.93 13.19
C TRP A 222 -5.39 8.71 13.28
N PHE A 223 -6.49 8.02 13.60
CA PHE A 223 -7.79 8.68 13.60
C PHE A 223 -8.48 8.54 14.94
N GLU A 224 -9.29 9.54 15.29
CA GLU A 224 -10.22 9.46 16.40
C GLU A 224 -11.01 8.15 16.27
N GLY A 225 -10.97 7.32 17.32
CA GLY A 225 -11.87 6.18 17.33
C GLY A 225 -11.15 4.89 17.00
N GLY A 226 -9.91 4.99 16.48
CA GLY A 226 -9.01 3.86 16.42
C GLY A 226 -8.70 3.37 15.01
N ALA A 227 -9.36 3.93 13.98
CA ALA A 227 -8.96 3.56 12.63
C ALA A 227 -7.58 4.14 12.34
N PHE A 228 -6.85 3.43 11.46
CA PHE A 228 -5.58 3.95 10.95
C PHE A 228 -5.57 3.80 9.44
N ALA A 229 -4.73 4.63 8.81
CA ALA A 229 -4.64 4.68 7.36
C ALA A 229 -3.19 4.69 6.92
N SER A 230 -2.94 4.02 5.79
CA SER A 230 -1.66 4.07 5.12
C SER A 230 -1.86 4.61 3.70
N ILE A 231 -1.11 5.68 3.38
CA ILE A 231 -1.20 6.35 2.09
C ILE A 231 0.19 6.39 1.46
N SER A 232 0.27 5.93 0.20
CA SER A 232 1.49 5.92 -0.59
C SER A 232 1.28 6.62 -1.94
N TYR A 233 2.31 7.34 -2.36
CA TYR A 233 2.26 8.03 -3.65
C TYR A 233 3.66 8.11 -4.26
N ASN A 234 3.69 7.79 -5.56
CA ASN A 234 4.87 7.82 -6.40
C ASN A 234 4.49 8.44 -7.74
N GLY A 235 5.24 9.47 -8.15
CA GLY A 235 4.92 10.20 -9.36
C GLY A 235 6.09 10.33 -10.35
N TYR A 236 7.00 9.34 -10.33
CA TYR A 236 8.13 9.29 -11.24
C TYR A 236 7.78 8.46 -12.47
N GLY A 237 6.49 8.15 -12.63
CA GLY A 237 5.92 7.62 -13.85
C GLY A 237 6.59 6.37 -14.41
N HIS A 238 6.71 5.29 -13.63
CA HIS A 238 7.07 4.01 -14.22
C HIS A 238 5.87 3.07 -14.20
N PHE A 239 5.70 2.35 -13.07
CA PHE A 239 4.47 1.59 -12.83
C PHE A 239 3.28 2.55 -12.87
N ASP A 240 2.14 2.03 -13.37
CA ASP A 240 0.95 2.85 -13.45
C ASP A 240 -0.24 2.13 -12.84
N SER A 241 -0.64 2.59 -11.65
CA SER A 241 -1.64 1.95 -10.80
C SER A 241 -3.05 1.90 -11.41
N ASP A 242 -3.28 2.57 -12.54
CA ASP A 242 -4.61 2.51 -13.15
C ASP A 242 -4.95 1.07 -13.53
N GLU A 243 -3.90 0.30 -13.78
CA GLU A 243 -3.97 -1.12 -14.02
C GLU A 243 -4.84 -1.81 -12.97
N TRP A 244 -4.87 -1.22 -11.75
CA TRP A 244 -5.59 -1.80 -10.61
C TRP A 244 -6.91 -1.08 -10.36
N CYS A 245 -7.33 -0.25 -11.33
CA CYS A 245 -8.64 0.39 -11.33
C CYS A 245 -9.32 0.14 -12.66
N ASP A 246 -9.33 -1.12 -13.11
CA ASP A 246 -10.08 -1.53 -14.29
C ASP A 246 -9.55 -0.79 -15.53
N TRP A 247 -8.31 -0.30 -15.46
CA TRP A 247 -7.67 0.45 -16.53
C TRP A 247 -8.48 1.69 -16.93
N ILE A 248 -9.05 2.41 -15.95
CA ILE A 248 -9.65 3.71 -16.19
C ILE A 248 -8.74 4.79 -15.62
N GLY A 249 -8.62 5.91 -16.35
CA GLY A 249 -7.77 7.05 -15.99
C GLY A 249 -8.38 8.00 -14.95
N GLU A 250 -7.55 8.95 -14.47
CA GLU A 250 -7.92 9.90 -13.44
C GLU A 250 -9.17 10.69 -13.84
N MET A 251 -9.25 11.07 -15.13
CA MET A 251 -10.36 11.84 -15.65
C MET A 251 -11.40 10.92 -16.30
N GLY A 252 -11.36 9.63 -15.98
CA GLY A 252 -12.49 8.78 -16.36
C GLY A 252 -12.32 8.07 -17.70
N GLY A 253 -11.23 8.38 -18.41
CA GLY A 253 -10.92 7.80 -19.71
C GLY A 253 -10.52 6.33 -19.61
N ASP A 254 -10.65 5.61 -20.73
CA ASP A 254 -10.24 4.22 -20.89
C ASP A 254 -8.79 4.17 -21.36
N LYS A 255 -8.00 3.24 -20.82
CA LYS A 255 -6.56 3.19 -21.08
C LYS A 255 -6.17 1.77 -21.46
N SER A 256 -7.10 1.11 -22.16
CA SER A 256 -6.89 -0.22 -22.72
C SER A 256 -7.86 -0.46 -23.89
N PRO A 257 -7.56 0.04 -25.14
CA PRO A 257 -8.32 -0.29 -26.38
C PRO A 257 -8.52 -1.80 -26.58
N PRO A 299 -17.95 7.68 -24.08
CA PRO A 299 -18.69 6.75 -23.20
C PRO A 299 -18.13 6.60 -21.77
N ILE A 300 -17.65 7.70 -21.17
CA ILE A 300 -16.62 7.65 -20.13
C ILE A 300 -17.19 7.43 -18.71
N TRP A 301 -16.29 7.33 -17.71
CA TRP A 301 -16.63 6.84 -16.38
C TRP A 301 -16.26 7.86 -15.32
N HIS A 302 -16.40 7.50 -14.04
CA HIS A 302 -16.15 8.48 -12.98
C HIS A 302 -14.67 8.78 -12.79
N GLN A 303 -14.38 9.96 -12.23
CA GLN A 303 -13.02 10.33 -11.89
C GLN A 303 -12.60 9.57 -10.63
N HIS A 304 -11.29 9.28 -10.49
CA HIS A 304 -10.76 8.60 -9.32
C HIS A 304 -9.28 8.91 -9.15
N PHE A 305 -8.74 8.45 -8.01
CA PHE A 305 -7.39 8.82 -7.62
C PHE A 305 -6.63 7.64 -7.01
N GLY A 306 -6.69 6.49 -7.70
CA GLY A 306 -5.80 5.37 -7.41
C GLY A 306 -6.49 4.29 -6.58
N PRO A 307 -5.85 3.10 -6.42
CA PRO A 307 -6.41 2.00 -5.60
C PRO A 307 -6.59 2.34 -4.12
N ILE A 308 -7.82 2.12 -3.64
CA ILE A 308 -8.13 2.35 -2.25
C ILE A 308 -8.95 1.17 -1.74
N VAL A 309 -8.57 0.66 -0.55
CA VAL A 309 -9.27 -0.43 0.12
C VAL A 309 -9.72 0.03 1.50
N VAL A 310 -11.03 -0.01 1.74
CA VAL A 310 -11.56 0.37 3.03
C VAL A 310 -11.86 -0.88 3.85
N SER A 311 -11.18 -1.02 4.99
CA SER A 311 -11.43 -2.12 5.90
C SER A 311 -12.35 -1.71 7.05
N CYS A 312 -13.60 -2.17 7.00
CA CYS A 312 -14.53 -2.04 8.10
C CYS A 312 -14.59 -3.35 8.91
N GLU A 313 -15.27 -3.31 10.07
CA GLU A 313 -15.38 -4.40 11.04
C GLU A 313 -15.89 -5.66 10.38
N ARG A 314 -16.84 -5.53 9.47
CA ARG A 314 -17.50 -6.70 8.91
C ARG A 314 -17.20 -6.85 7.42
N GLY A 315 -16.30 -6.03 6.86
CA GLY A 315 -15.96 -6.21 5.47
C GLY A 315 -15.19 -5.07 4.84
N ASP A 316 -14.88 -5.26 3.55
CA ASP A 316 -13.98 -4.42 2.78
C ASP A 316 -14.78 -3.73 1.68
N ILE A 317 -14.45 -2.46 1.42
CA ILE A 317 -15.12 -1.62 0.44
C ILE A 317 -14.06 -1.12 -0.52
N ARG A 318 -14.29 -1.37 -1.81
CA ARG A 318 -13.35 -1.00 -2.86
C ARG A 318 -14.03 -0.14 -3.95
N PRO A 319 -13.90 1.21 -3.86
CA PRO A 319 -14.41 2.10 -4.93
C PRO A 319 -13.63 1.99 -6.23
N LEU A 320 -14.39 1.70 -7.30
CA LEU A 320 -13.89 1.73 -8.65
C LEU A 320 -14.55 2.87 -9.42
N PRO A 321 -13.97 3.31 -10.57
CA PRO A 321 -14.60 4.34 -11.38
C PRO A 321 -15.94 3.92 -12.00
N ASP A 322 -16.19 2.59 -12.08
CA ASP A 322 -17.41 2.07 -12.69
C ASP A 322 -18.22 1.20 -11.72
N SER A 323 -17.83 1.13 -10.43
CA SER A 323 -18.62 0.39 -9.44
C SER A 323 -18.01 0.53 -8.06
N VAL A 324 -18.70 -0.06 -7.07
CA VAL A 324 -18.16 -0.25 -5.73
C VAL A 324 -18.24 -1.74 -5.39
N CYS A 325 -17.07 -2.37 -5.26
CA CYS A 325 -16.99 -3.74 -4.81
C CYS A 325 -17.02 -3.78 -3.29
N VAL A 326 -17.94 -4.63 -2.78
CA VAL A 326 -18.08 -4.91 -1.37
C VAL A 326 -17.78 -6.39 -1.14
N TYR A 327 -16.86 -6.62 -0.20
CA TYR A 327 -16.46 -7.96 0.20
C TYR A 327 -16.98 -8.15 1.64
N ALA A 328 -17.98 -9.03 1.79
CA ALA A 328 -18.54 -9.19 3.12
C ALA A 328 -18.49 -10.65 3.54
N ASP A 329 -19.01 -10.94 4.75
CA ASP A 329 -18.94 -12.26 5.35
C ASP A 329 -19.83 -13.21 4.58
N LEU A 330 -20.97 -12.72 4.06
CA LEU A 330 -21.88 -13.55 3.26
C LEU A 330 -21.32 -13.74 1.85
N ALA A 331 -21.42 -12.71 1.00
CA ALA A 331 -20.86 -12.80 -0.35
C ALA A 331 -19.92 -11.62 -0.64
N LYS A 332 -19.54 -11.48 -1.93
CA LYS A 332 -18.73 -10.40 -2.48
C LYS A 332 -19.46 -9.87 -3.72
N GLU A 333 -19.55 -8.53 -3.88
CA GLU A 333 -20.49 -7.93 -4.81
C GLU A 333 -19.84 -6.80 -5.58
N ARG A 334 -20.15 -6.71 -6.88
CA ARG A 334 -19.85 -5.51 -7.64
C ARG A 334 -21.11 -4.66 -7.75
N ARG A 335 -21.23 -3.64 -6.88
CA ARG A 335 -22.43 -2.80 -6.87
C ARG A 335 -22.30 -1.71 -7.94
N SER A 336 -23.28 -1.68 -8.85
CA SER A 336 -23.22 -0.88 -10.07
C SER A 336 -23.40 0.62 -9.78
N LEU A 337 -22.75 1.46 -10.59
CA LEU A 337 -22.97 2.90 -10.57
C LEU A 337 -23.42 3.31 -11.97
N GLN A 338 -23.89 4.55 -12.10
CA GLN A 338 -24.40 5.08 -13.35
C GLN A 338 -23.33 5.98 -13.95
N ARG A 339 -23.12 5.85 -15.26
CA ARG A 339 -22.15 6.67 -15.95
C ARG A 339 -22.43 8.13 -15.63
N PRO A 340 -21.38 8.97 -15.45
CA PRO A 340 -21.61 10.39 -15.23
C PRO A 340 -22.02 10.99 -16.57
N VAL A 341 -23.08 11.79 -16.59
CA VAL A 341 -23.53 12.40 -17.83
C VAL A 341 -22.76 13.69 -18.03
N VAL A 342 -22.30 14.27 -16.90
CA VAL A 342 -21.51 15.48 -16.87
C VAL A 342 -20.33 15.25 -15.92
N PRO A 343 -19.08 15.38 -16.40
CA PRO A 343 -17.90 15.21 -15.54
C PRO A 343 -17.85 16.19 -14.38
N ARG A 344 -17.64 15.67 -13.16
CA ARG A 344 -17.50 16.48 -11.94
C ARG A 344 -18.79 17.22 -11.60
N PHE A 345 -19.92 16.70 -12.08
CA PHE A 345 -21.24 17.20 -11.67
C PHE A 345 -21.38 17.29 -10.15
N GLU A 346 -20.63 16.48 -9.39
CA GLU A 346 -20.84 16.46 -7.94
C GLU A 346 -20.29 17.75 -7.32
N VAL A 347 -19.33 18.38 -8.01
CA VAL A 347 -18.80 19.65 -7.57
C VAL A 347 -19.87 20.71 -7.78
N ILE A 348 -20.55 20.64 -8.95
CA ILE A 348 -21.58 21.62 -9.28
C ILE A 348 -22.81 21.44 -8.39
N ASP A 349 -23.18 20.18 -8.08
CA ASP A 349 -24.29 19.93 -7.17
C ASP A 349 -24.03 20.66 -5.87
N GLU A 350 -22.81 20.51 -5.38
CA GLU A 350 -22.46 21.01 -4.06
C GLU A 350 -22.53 22.54 -4.08
N LEU A 351 -22.16 23.15 -5.22
CA LEU A 351 -22.14 24.60 -5.34
C LEU A 351 -23.56 25.11 -5.55
N TYR A 352 -24.26 24.53 -6.54
CA TYR A 352 -25.60 24.90 -6.95
C TYR A 352 -26.59 24.78 -5.79
N HIS A 353 -26.57 23.66 -5.04
CA HIS A 353 -27.39 23.57 -3.84
C HIS A 353 -26.90 24.51 -2.72
N ALA A 354 -25.63 24.96 -2.75
CA ALA A 354 -25.18 25.92 -1.75
C ALA A 354 -25.83 27.29 -1.99
N VAL A 355 -25.89 27.70 -3.28
CA VAL A 355 -26.18 29.09 -3.63
C VAL A 355 -27.69 29.25 -3.76
N VAL A 356 -28.31 28.34 -4.53
CA VAL A 356 -29.71 28.38 -4.92
C VAL A 356 -30.62 27.93 -3.78
N ASN A 357 -30.22 26.89 -3.03
CA ASN A 357 -31.09 26.28 -2.02
C ASN A 357 -30.49 26.31 -0.62
N GLU A 358 -29.39 27.04 -0.42
CA GLU A 358 -28.83 27.27 0.91
C GLU A 358 -28.38 26.00 1.63
N ILE A 359 -28.28 24.86 0.94
CA ILE A 359 -27.85 23.62 1.56
C ILE A 359 -26.35 23.69 1.87
N LYS A 360 -26.00 23.50 3.15
CA LYS A 360 -24.61 23.53 3.59
C LYS A 360 -23.77 22.56 2.74
N PRO A 361 -22.68 23.03 2.11
CA PRO A 361 -21.84 22.13 1.33
C PRO A 361 -20.88 21.40 2.26
N LEU A 362 -20.48 20.18 1.88
CA LEU A 362 -19.50 19.41 2.65
C LEU A 362 -18.09 19.97 2.47
N HIS A 363 -17.62 20.07 1.22
CA HIS A 363 -16.25 20.54 0.96
C HIS A 363 -16.17 22.05 1.16
N ASP A 364 -16.48 22.47 2.39
CA ASP A 364 -16.50 23.87 2.78
C ASP A 364 -15.10 24.33 3.18
N GLY A 365 -15.02 25.58 3.64
CA GLY A 365 -13.74 26.15 4.00
C GLY A 365 -13.12 25.52 5.25
N VAL A 366 -13.99 25.19 6.21
CA VAL A 366 -13.58 24.55 7.45
C VAL A 366 -12.95 23.20 7.12
N TRP A 367 -13.54 22.48 6.14
CA TRP A 367 -13.16 21.15 5.71
C TRP A 367 -11.82 21.18 4.97
N ALA A 368 -11.78 21.98 3.89
CA ALA A 368 -10.62 22.09 3.04
C ALA A 368 -9.41 22.35 3.92
N ARG A 369 -9.60 23.27 4.89
CA ARG A 369 -8.61 23.72 5.85
C ARG A 369 -8.00 22.56 6.63
N ALA A 370 -8.84 21.67 7.16
CA ALA A 370 -8.43 20.46 7.87
C ALA A 370 -7.46 19.58 7.06
N THR A 371 -7.76 19.42 5.75
CA THR A 371 -6.89 18.69 4.84
C THR A 371 -5.51 19.36 4.80
N LEU A 372 -5.50 20.68 4.66
CA LEU A 372 -4.26 21.44 4.55
C LEU A 372 -3.39 21.13 5.77
N GLU A 373 -4.05 21.06 6.94
CA GLU A 373 -3.40 20.80 8.20
C GLU A 373 -2.64 19.48 8.11
N VAL A 374 -3.31 18.44 7.59
CA VAL A 374 -2.72 17.13 7.41
C VAL A 374 -1.56 17.19 6.42
N CYS A 375 -1.71 18.01 5.38
CA CYS A 375 -0.66 18.12 4.39
C CYS A 375 0.57 18.81 4.98
N LEU A 376 0.30 19.84 5.78
CA LEU A 376 1.37 20.54 6.47
C LEU A 376 2.07 19.60 7.42
N ALA A 377 1.28 18.82 8.19
CA ALA A 377 1.79 17.86 9.18
C ALA A 377 2.70 16.81 8.52
N LEU A 378 2.22 16.28 7.40
CA LEU A 378 2.90 15.36 6.51
C LEU A 378 4.30 15.89 6.15
N LEU A 379 4.33 17.07 5.52
CA LEU A 379 5.57 17.72 5.14
C LEU A 379 6.45 17.97 6.36
N ASP A 380 5.85 18.35 7.49
CA ASP A 380 6.66 18.61 8.68
C ASP A 380 7.29 17.34 9.20
N SER A 381 6.49 16.26 9.26
CA SER A 381 6.98 14.97 9.76
C SER A 381 8.16 14.45 8.93
N ALA A 382 8.03 14.49 7.59
CA ALA A 382 9.10 14.05 6.68
C ALA A 382 10.33 14.95 6.80
N GLY A 383 10.16 16.20 7.24
CA GLY A 383 11.25 17.17 7.32
C GLY A 383 12.10 17.03 8.58
N SER A 384 11.45 17.04 9.75
CA SER A 384 12.08 16.50 10.95
C SER A 384 12.02 14.99 10.79
N GLY A 385 12.32 14.23 11.84
CA GLY A 385 12.07 12.80 11.75
C GLY A 385 11.08 12.36 12.83
N LYS A 386 10.01 13.14 12.98
CA LYS A 386 9.17 12.99 14.16
C LYS A 386 7.70 12.93 13.75
N ASP A 387 6.92 12.19 14.55
CA ASP A 387 5.46 12.25 14.56
C ASP A 387 4.99 13.70 14.63
N VAL A 388 3.84 13.99 14.02
CA VAL A 388 3.15 15.25 14.29
C VAL A 388 1.75 14.95 14.83
N GLU A 389 1.45 15.49 16.01
CA GLU A 389 0.14 15.39 16.65
C GLU A 389 -0.67 16.63 16.26
N LEU A 390 -1.97 16.43 15.97
CA LEU A 390 -2.83 17.47 15.44
C LEU A 390 -3.94 17.74 16.45
N PRO A 391 -3.93 18.92 17.12
CA PRO A 391 -5.07 19.47 17.84
C PRO A 391 -6.44 18.85 17.52
N GLY B 4 24.57 -38.24 0.65
CA GLY B 4 25.64 -38.12 -0.37
C GLY B 4 25.10 -37.38 -1.59
N HIS B 5 25.13 -38.06 -2.76
CA HIS B 5 24.40 -37.64 -3.94
C HIS B 5 22.95 -37.38 -3.56
N GLN B 6 22.36 -38.36 -2.85
CA GLN B 6 20.99 -38.20 -2.38
C GLN B 6 20.98 -37.86 -0.90
N LEU B 7 20.37 -36.72 -0.59
CA LEU B 7 20.50 -36.13 0.73
C LEU B 7 19.55 -36.86 1.68
N ARG B 8 20.08 -37.35 2.78
CA ARG B 8 19.28 -38.21 3.62
C ARG B 8 18.70 -37.36 4.73
N LEU B 9 17.38 -37.15 4.67
CA LEU B 9 16.77 -36.10 5.47
C LEU B 9 15.75 -36.66 6.46
N GLY B 10 15.96 -36.24 7.71
CA GLY B 10 15.03 -36.43 8.81
C GLY B 10 14.06 -35.25 8.91
N VAL B 11 12.83 -35.51 9.42
CA VAL B 11 11.80 -34.50 9.63
C VAL B 11 11.39 -34.57 11.09
N ALA B 12 11.53 -33.46 11.82
CA ALA B 12 11.06 -33.37 13.20
C ALA B 12 9.78 -32.54 13.26
N GLY B 13 8.65 -33.21 13.53
CA GLY B 13 7.35 -32.57 13.77
C GLY B 13 6.50 -32.72 12.51
N LEU B 14 5.47 -33.56 12.56
CA LEU B 14 4.76 -33.92 11.34
C LEU B 14 3.45 -33.14 11.25
N GLY B 15 3.54 -31.80 11.31
CA GLY B 15 2.36 -30.94 11.27
C GLY B 15 2.08 -30.31 9.91
N ARG B 16 1.55 -29.08 9.97
CA ARG B 16 1.10 -28.37 8.78
C ARG B 16 2.33 -27.94 8.00
N ALA B 17 3.27 -27.27 8.69
CA ALA B 17 4.51 -26.84 8.07
C ALA B 17 5.01 -27.99 7.20
N PHE B 18 5.07 -29.21 7.79
CA PHE B 18 5.52 -30.43 7.10
C PHE B 18 4.66 -30.75 5.88
N THR B 19 3.33 -30.64 5.97
CA THR B 19 2.51 -31.08 4.85
C THR B 19 2.57 -30.05 3.73
N LEU B 20 2.89 -28.81 4.08
CA LEU B 20 3.06 -27.82 3.03
C LEU B 20 4.37 -28.06 2.28
N MET B 21 5.34 -28.66 2.98
CA MET B 21 6.68 -28.87 2.46
C MET B 21 6.78 -30.20 1.71
N LEU B 22 5.79 -31.08 1.92
CA LEU B 22 5.91 -32.50 1.57
C LEU B 22 6.03 -32.67 0.07
N PRO B 23 5.23 -31.98 -0.78
CA PRO B 23 5.38 -32.11 -2.23
C PRO B 23 6.78 -31.74 -2.74
N THR B 24 7.43 -30.82 -2.01
CA THR B 24 8.80 -30.46 -2.31
C THR B 24 9.70 -31.67 -2.05
N LEU B 25 9.54 -32.28 -0.87
CA LEU B 25 10.47 -33.29 -0.44
C LEU B 25 10.29 -34.55 -1.27
N GLN B 26 9.06 -34.82 -1.70
CA GLN B 26 8.78 -36.01 -2.51
C GLN B 26 9.36 -35.84 -3.90
N GLN B 27 9.31 -34.61 -4.42
CA GLN B 27 9.48 -34.47 -5.85
C GLN B 27 10.91 -34.13 -6.25
N ASP B 28 11.70 -33.62 -5.30
CA ASP B 28 13.06 -33.21 -5.59
C ASP B 28 13.98 -34.43 -5.50
N PRO B 29 14.59 -34.92 -6.60
CA PRO B 29 15.39 -36.15 -6.55
C PRO B 29 16.66 -36.10 -5.69
N ARG B 30 17.07 -34.89 -5.28
CA ARG B 30 18.19 -34.71 -4.36
C ARG B 30 17.80 -35.14 -2.94
N ILE B 31 16.49 -35.17 -2.67
CA ILE B 31 16.02 -35.39 -1.31
C ILE B 31 15.58 -36.83 -1.13
N LYS B 32 16.03 -37.43 -0.04
CA LYS B 32 15.49 -38.70 0.42
C LYS B 32 15.04 -38.53 1.86
N LEU B 33 13.77 -38.88 2.09
CA LEU B 33 13.18 -38.85 3.42
C LEU B 33 13.43 -40.21 4.07
N VAL B 34 14.18 -40.22 5.20
CA VAL B 34 14.74 -41.43 5.78
C VAL B 34 14.18 -41.77 7.16
N ALA B 35 13.61 -40.78 7.88
CA ALA B 35 13.34 -40.89 9.32
C ALA B 35 12.49 -39.71 9.79
N ALA B 36 11.55 -39.93 10.71
CA ALA B 36 10.79 -38.82 11.26
C ALA B 36 10.71 -38.90 12.78
N CYS B 37 10.44 -37.77 13.44
CA CYS B 37 9.92 -37.87 14.79
C CYS B 37 8.73 -36.93 15.01
N ASP B 38 7.93 -37.24 16.04
CA ASP B 38 6.70 -36.55 16.35
C ASP B 38 6.18 -37.12 17.67
N PRO B 39 5.61 -36.29 18.58
CA PRO B 39 5.17 -36.80 19.88
C PRO B 39 3.94 -37.73 19.78
N ARG B 40 3.16 -37.59 18.72
CA ARG B 40 1.95 -38.40 18.67
C ARG B 40 2.10 -39.57 17.72
N GLY B 41 1.85 -40.76 18.26
CA GLY B 41 2.00 -42.02 17.56
C GLY B 41 1.06 -42.15 16.36
N SER B 42 -0.08 -41.46 16.39
CA SER B 42 -1.01 -41.55 15.29
C SER B 42 -0.31 -41.09 14.01
N ALA B 43 0.58 -40.09 14.15
CA ALA B 43 1.33 -39.48 13.05
C ALA B 43 2.58 -40.30 12.71
N ARG B 44 3.27 -40.76 13.77
CA ARG B 44 4.35 -41.71 13.61
C ARG B 44 3.85 -42.90 12.81
N ALA B 45 2.77 -43.53 13.25
CA ALA B 45 2.22 -44.63 12.48
C ALA B 45 1.93 -44.20 11.03
N GLN B 46 1.74 -42.90 10.80
CA GLN B 46 1.27 -42.48 9.49
C GLN B 46 2.47 -42.34 8.54
N PHE B 47 3.58 -41.79 9.06
CA PHE B 47 4.80 -41.59 8.29
C PHE B 47 5.48 -42.93 8.03
N ALA B 48 5.59 -43.74 9.11
CA ALA B 48 6.17 -45.06 9.00
C ALA B 48 5.44 -45.87 7.94
N SER B 49 4.11 -45.69 7.82
CA SER B 49 3.36 -46.39 6.79
C SER B 49 3.79 -45.96 5.39
N ASP B 50 3.75 -44.64 5.11
CA ASP B 50 3.88 -44.09 3.77
C ASP B 50 5.33 -44.16 3.25
N PHE B 51 6.30 -44.14 4.17
CA PHE B 51 7.70 -44.00 3.82
C PHE B 51 8.53 -45.22 4.24
N ARG B 52 7.91 -46.17 4.93
CA ARG B 52 8.55 -47.37 5.44
C ARG B 52 9.87 -46.97 6.06
N ALA B 53 9.83 -46.26 7.20
CA ALA B 53 11.04 -45.63 7.70
C ALA B 53 10.93 -45.46 9.20
N PRO B 54 12.05 -45.46 9.96
CA PRO B 54 12.03 -45.45 11.42
C PRO B 54 11.52 -44.12 11.94
N VAL B 55 10.51 -44.16 12.81
CA VAL B 55 10.00 -42.98 13.47
C VAL B 55 10.28 -43.11 14.96
N TYR B 56 10.27 -41.97 15.66
CA TYR B 56 10.71 -41.91 17.05
C TYR B 56 9.84 -40.93 17.81
N PRO B 57 9.71 -41.09 19.15
CA PRO B 57 9.03 -40.09 19.98
C PRO B 57 9.61 -38.70 19.87
N ASP B 58 10.94 -38.56 19.87
CA ASP B 58 11.52 -37.24 20.02
C ASP B 58 12.71 -37.02 19.10
N ILE B 59 13.33 -35.83 19.24
CA ILE B 59 14.48 -35.41 18.44
C ILE B 59 15.70 -36.28 18.77
N GLU B 60 15.80 -36.75 20.02
CA GLU B 60 16.97 -37.46 20.48
C GLU B 60 17.03 -38.80 19.75
N GLY B 61 15.85 -39.35 19.46
CA GLY B 61 15.70 -40.56 18.68
C GLY B 61 16.14 -40.34 17.24
N LEU B 62 15.68 -39.24 16.66
CA LEU B 62 15.89 -38.93 15.25
C LEU B 62 17.36 -38.63 14.96
N ALA B 63 18.00 -37.86 15.84
CA ALA B 63 19.37 -37.40 15.69
C ALA B 63 20.38 -38.52 16.01
N SER B 64 19.92 -39.54 16.74
CA SER B 64 20.77 -40.67 17.12
C SER B 64 20.89 -41.66 15.97
N ASN B 65 20.02 -41.53 14.97
CA ASN B 65 20.07 -42.40 13.80
C ASN B 65 21.21 -41.93 12.91
N PRO B 66 22.21 -42.78 12.62
CA PRO B 66 23.37 -42.33 11.86
C PRO B 66 23.10 -42.28 10.35
N ASP B 67 21.95 -42.79 9.90
CA ASP B 67 21.66 -42.62 8.49
C ASP B 67 21.20 -41.19 8.18
N VAL B 68 20.79 -40.43 9.20
CA VAL B 68 20.26 -39.10 8.95
C VAL B 68 21.42 -38.15 8.69
N GLU B 69 21.32 -37.34 7.61
CA GLU B 69 22.32 -36.31 7.36
C GLU B 69 21.88 -34.96 7.92
N ALA B 70 20.63 -34.57 7.66
CA ALA B 70 20.09 -33.29 8.12
C ALA B 70 18.65 -33.47 8.60
N ILE B 71 18.23 -32.60 9.53
CA ILE B 71 16.83 -32.61 9.94
C ILE B 71 16.12 -31.30 9.54
N TYR B 72 14.91 -31.45 9.01
CA TYR B 72 13.99 -30.36 8.79
C TYR B 72 13.15 -30.20 10.05
N ILE B 73 13.43 -29.16 10.84
CA ILE B 73 12.66 -28.91 12.05
C ILE B 73 11.39 -28.15 11.69
N ALA B 74 10.24 -28.85 11.70
CA ALA B 74 8.90 -28.32 11.37
C ALA B 74 7.96 -28.36 12.58
N SER B 75 8.53 -28.42 13.78
CA SER B 75 7.74 -28.37 14.99
C SER B 75 7.37 -26.92 15.28
N PRO B 76 6.54 -26.63 16.31
CA PRO B 76 6.24 -25.26 16.69
C PRO B 76 7.43 -24.64 17.44
N HIS B 77 7.51 -23.32 17.37
CA HIS B 77 8.74 -22.55 17.54
C HIS B 77 9.32 -22.65 18.94
N GLN B 78 8.46 -22.82 19.94
CA GLN B 78 8.93 -22.85 21.31
C GLN B 78 9.88 -24.02 21.48
N PHE B 79 9.93 -24.89 20.46
CA PHE B 79 10.70 -26.12 20.47
C PHE B 79 11.92 -26.11 19.53
N HIS B 80 12.07 -25.02 18.75
CA HIS B 80 13.10 -24.94 17.74
C HIS B 80 14.49 -24.94 18.38
N ALA B 81 14.73 -24.00 19.31
CA ALA B 81 16.04 -23.83 19.89
C ALA B 81 16.51 -25.14 20.51
N GLN B 82 15.61 -25.83 21.22
CA GLN B 82 15.96 -27.04 21.93
C GLN B 82 16.29 -28.15 20.93
N GLN B 83 15.46 -28.25 19.88
CA GLN B 83 15.60 -29.29 18.87
C GLN B 83 16.86 -29.09 18.03
N ALA B 84 17.17 -27.83 17.70
CA ALA B 84 18.38 -27.53 16.95
C ALA B 84 19.64 -27.95 17.72
N ARG B 85 19.74 -27.52 18.99
CA ARG B 85 20.86 -27.82 19.87
C ARG B 85 21.16 -29.32 19.83
N ILE B 86 20.11 -30.14 19.93
CA ILE B 86 20.19 -31.59 19.92
C ILE B 86 20.70 -32.10 18.56
N ALA B 87 20.06 -31.67 17.47
CA ALA B 87 20.50 -32.10 16.16
C ALA B 87 21.99 -31.77 15.95
N ALA B 88 22.39 -30.57 16.41
CA ALA B 88 23.73 -30.09 16.15
C ALA B 88 24.72 -30.89 16.99
N ARG B 89 24.31 -31.19 18.23
CA ARG B 89 25.11 -32.01 19.13
C ARG B 89 25.50 -33.30 18.38
N HIS B 90 24.53 -33.90 17.68
CA HIS B 90 24.73 -35.16 16.98
C HIS B 90 25.26 -34.95 15.56
N GLY B 91 25.67 -33.70 15.23
CA GLY B 91 26.25 -33.33 13.96
C GLY B 91 25.31 -33.49 12.75
N LYS B 92 24.09 -32.98 12.84
CA LYS B 92 23.19 -33.02 11.70
C LYS B 92 22.84 -31.57 11.34
N HIS B 93 22.88 -31.27 10.04
CA HIS B 93 22.46 -29.96 9.56
C HIS B 93 20.98 -29.78 9.84
N VAL B 94 20.56 -28.51 9.80
CA VAL B 94 19.32 -27.99 10.39
C VAL B 94 18.71 -27.06 9.36
N LEU B 95 17.49 -27.41 8.88
CA LEU B 95 16.59 -26.49 8.20
C LEU B 95 15.37 -26.28 9.10
N VAL B 96 15.20 -25.06 9.63
CA VAL B 96 14.14 -24.75 10.59
C VAL B 96 13.05 -23.96 9.89
N GLU B 97 11.78 -24.39 10.02
CA GLU B 97 10.65 -23.59 9.54
C GLU B 97 10.56 -22.27 10.33
N LYS B 98 9.92 -21.28 9.72
CA LYS B 98 9.82 -19.96 10.30
C LYS B 98 8.70 -19.93 11.34
N PRO B 99 8.78 -19.08 12.40
CA PRO B 99 9.97 -18.28 12.70
C PRO B 99 11.02 -19.15 13.37
N MET B 100 12.26 -18.83 13.07
CA MET B 100 13.43 -19.41 13.71
C MET B 100 13.14 -19.75 15.17
N ALA B 101 12.84 -18.73 15.96
CA ALA B 101 12.50 -18.89 17.36
C ALA B 101 11.65 -17.71 17.83
N LEU B 102 11.50 -17.61 19.16
CA LEU B 102 10.63 -16.68 19.85
C LEU B 102 11.43 -15.44 20.21
N SER B 103 12.67 -15.68 20.63
CA SER B 103 13.51 -14.65 21.22
C SER B 103 14.82 -14.56 20.46
N LEU B 104 15.58 -13.48 20.68
CA LEU B 104 16.86 -13.26 20.00
C LEU B 104 17.96 -14.07 20.68
N GLY B 105 17.87 -14.22 22.00
CA GLY B 105 18.77 -15.09 22.76
C GLY B 105 18.71 -16.54 22.24
N ASP B 106 17.49 -17.04 22.00
CA ASP B 106 17.25 -18.33 21.38
C ASP B 106 18.02 -18.46 20.07
N CYS B 107 17.97 -17.40 19.24
CA CYS B 107 18.61 -17.42 17.94
C CYS B 107 20.13 -17.50 18.06
N ASP B 108 20.70 -16.67 18.95
CA ASP B 108 22.13 -16.65 19.19
C ASP B 108 22.59 -18.04 19.64
N GLU B 109 21.79 -18.67 20.52
CA GLU B 109 22.17 -19.98 21.01
C GLU B 109 22.19 -20.95 19.84
N MET B 110 21.17 -20.85 18.98
CA MET B 110 21.04 -21.71 17.81
C MET B 110 22.23 -21.50 16.87
N ILE B 111 22.51 -20.25 16.50
CA ILE B 111 23.61 -19.98 15.60
C ILE B 111 24.91 -20.53 16.20
N GLN B 112 25.09 -20.41 17.53
CA GLN B 112 26.31 -20.81 18.19
C GLN B 112 26.46 -22.33 18.23
N HIS B 113 25.44 -23.04 18.75
CA HIS B 113 25.43 -24.50 18.73
C HIS B 113 25.73 -25.05 17.34
N CYS B 114 25.29 -24.37 16.27
CA CYS B 114 25.49 -24.93 14.94
C CYS B 114 26.90 -24.67 14.41
N ARG B 115 27.51 -23.56 14.86
CA ARG B 115 28.89 -23.24 14.54
C ARG B 115 29.81 -24.25 15.22
N ASP B 116 29.54 -24.51 16.51
CA ASP B 116 30.36 -25.40 17.31
C ASP B 116 30.38 -26.79 16.70
N ALA B 117 29.26 -27.24 16.12
CA ALA B 117 29.20 -28.55 15.50
C ALA B 117 29.74 -28.54 14.07
N GLY B 118 30.00 -27.35 13.51
CA GLY B 118 30.39 -27.22 12.11
C GLY B 118 29.30 -27.68 11.13
N VAL B 119 28.03 -27.39 11.44
CA VAL B 119 26.94 -27.79 10.58
C VAL B 119 26.18 -26.54 10.17
N HIS B 120 25.39 -26.63 9.07
CA HIS B 120 24.67 -25.50 8.53
C HIS B 120 23.32 -25.32 9.25
N LEU B 121 22.91 -24.05 9.31
CA LEU B 121 21.70 -23.57 9.93
C LEU B 121 21.02 -22.68 8.89
N ILE B 122 19.98 -23.23 8.27
CA ILE B 122 19.18 -22.57 7.24
C ILE B 122 17.74 -22.41 7.76
N VAL B 123 17.13 -21.23 7.59
CA VAL B 123 15.76 -21.02 8.07
C VAL B 123 14.71 -21.23 6.97
N GLY B 124 13.67 -21.99 7.40
CA GLY B 124 12.86 -23.03 6.78
C GLY B 124 12.37 -22.67 5.40
N HIS B 125 11.09 -22.95 5.11
CA HIS B 125 10.55 -22.19 3.98
C HIS B 125 10.25 -20.74 4.38
N CYS B 126 10.77 -19.85 3.55
CA CYS B 126 10.53 -18.42 3.66
C CYS B 126 10.26 -17.94 2.24
N HIS B 127 9.19 -17.16 2.08
CA HIS B 127 8.81 -16.63 0.78
C HIS B 127 9.94 -15.87 0.07
N SER B 128 11.01 -15.49 0.79
CA SER B 128 12.06 -14.73 0.17
C SER B 128 12.89 -15.63 -0.74
N PHE B 129 12.73 -16.96 -0.61
CA PHE B 129 13.41 -17.93 -1.46
C PHE B 129 12.79 -17.98 -2.85
N ASP B 130 11.55 -17.51 -2.99
CA ASP B 130 10.75 -17.67 -4.19
C ASP B 130 11.45 -16.95 -5.35
N THR B 131 11.46 -17.55 -6.57
CA THR B 131 12.37 -17.12 -7.63
C THR B 131 12.02 -15.75 -8.25
N PRO B 132 10.73 -15.35 -8.38
CA PRO B 132 10.40 -13.98 -8.77
C PRO B 132 11.17 -13.00 -7.90
N TYR B 133 11.11 -13.15 -6.58
CA TYR B 133 11.87 -12.23 -5.75
C TYR B 133 13.37 -12.43 -5.95
N LEU B 134 13.83 -13.67 -6.14
CA LEU B 134 15.26 -13.90 -6.37
C LEU B 134 15.72 -13.16 -7.64
N SER B 135 14.87 -13.22 -8.66
CA SER B 135 15.11 -12.62 -9.96
C SER B 135 15.20 -11.09 -9.85
N ALA B 136 14.26 -10.48 -9.12
CA ALA B 136 14.26 -9.04 -8.91
C ALA B 136 15.47 -8.61 -8.07
N ARG B 137 15.89 -9.44 -7.10
CA ARG B 137 17.11 -9.13 -6.37
C ARG B 137 18.27 -8.98 -7.36
N GLU B 138 18.22 -9.75 -8.45
CA GLU B 138 19.34 -9.79 -9.35
C GLU B 138 19.41 -8.48 -10.13
N ILE B 139 18.22 -8.02 -10.53
CA ILE B 139 18.08 -6.74 -11.20
C ILE B 139 18.63 -5.65 -10.30
N VAL B 140 18.24 -5.65 -9.03
CA VAL B 140 18.76 -4.60 -8.17
C VAL B 140 20.29 -4.68 -8.05
N GLN B 141 20.83 -5.90 -7.89
CA GLN B 141 22.28 -6.07 -7.77
C GLN B 141 22.96 -5.66 -9.08
N SER B 142 22.31 -5.92 -10.23
CA SER B 142 22.99 -5.70 -11.48
C SER B 142 23.26 -4.21 -11.68
N GLY B 143 22.64 -3.35 -10.87
CA GLY B 143 22.82 -1.90 -10.94
C GLY B 143 22.05 -1.25 -12.09
N GLU B 144 21.30 -2.08 -12.82
CA GLU B 144 20.71 -1.68 -14.09
C GLU B 144 19.79 -0.49 -13.90
N LEU B 145 19.17 -0.37 -12.72
CA LEU B 145 18.14 0.61 -12.42
C LEU B 145 18.56 1.48 -11.24
N GLY B 146 19.86 1.46 -10.88
CA GLY B 146 20.35 2.17 -9.71
C GLY B 146 19.88 1.51 -8.42
N PRO B 147 20.16 2.09 -7.23
CA PRO B 147 19.69 1.53 -5.95
C PRO B 147 18.19 1.66 -5.73
N VAL B 148 17.64 0.85 -4.81
CA VAL B 148 16.24 0.88 -4.44
C VAL B 148 16.01 2.16 -3.66
N ARG B 149 14.89 2.87 -3.92
CA ARG B 149 14.62 4.06 -3.14
C ARG B 149 13.37 3.86 -2.27
N MET B 150 12.39 3.11 -2.78
CA MET B 150 11.16 2.94 -2.05
C MET B 150 10.62 1.54 -2.29
N VAL B 151 10.01 0.92 -1.28
CA VAL B 151 9.31 -0.33 -1.53
C VAL B 151 7.89 -0.27 -0.96
N HIS B 152 6.93 -0.69 -1.80
CA HIS B 152 5.53 -0.80 -1.40
C HIS B 152 5.09 -2.27 -1.43
N ALA B 153 4.63 -2.81 -0.28
CA ALA B 153 4.20 -4.19 -0.15
C ALA B 153 2.87 -4.29 0.60
N LEU B 154 1.93 -5.05 0.06
CA LEU B 154 0.65 -5.27 0.71
C LEU B 154 0.21 -6.71 0.43
N ASN B 155 -0.75 -7.20 1.24
CA ASN B 155 -1.25 -8.56 1.16
C ASN B 155 -2.54 -8.67 1.96
N TYR B 156 -3.64 -8.98 1.25
CA TYR B 156 -4.97 -9.11 1.80
C TYR B 156 -5.37 -10.57 1.68
N THR B 157 -5.37 -11.26 2.83
CA THR B 157 -5.55 -12.71 2.85
C THR B 157 -6.72 -13.05 3.77
N ASP B 158 -6.95 -14.37 3.94
CA ASP B 158 -7.96 -14.88 4.85
C ASP B 158 -7.31 -15.75 5.94
N PHE B 159 -6.04 -15.44 6.22
CA PHE B 159 -5.22 -16.28 7.08
C PHE B 159 -5.86 -16.45 8.46
N LEU B 160 -6.77 -15.55 8.83
CA LEU B 160 -7.30 -15.59 10.18
C LEU B 160 -8.41 -16.62 10.35
N TYR B 161 -8.90 -17.15 9.24
CA TYR B 161 -10.11 -17.95 9.25
C TYR B 161 -9.89 -19.12 8.29
N ARG B 162 -8.69 -19.69 8.35
CA ARG B 162 -8.41 -20.89 7.58
C ARG B 162 -8.67 -22.09 8.50
N PRO B 163 -9.54 -23.04 8.09
CA PRO B 163 -9.77 -24.23 8.92
C PRO B 163 -8.42 -24.80 9.35
N ARG B 164 -8.30 -25.21 10.62
CA ARG B 164 -7.10 -25.89 11.06
C ARG B 164 -7.12 -27.33 10.54
N ARG B 165 -5.95 -27.81 10.10
CA ARG B 165 -5.82 -29.07 9.38
C ARG B 165 -5.68 -30.20 10.40
N PRO B 166 -6.00 -31.49 10.06
CA PRO B 166 -5.82 -32.62 10.98
C PRO B 166 -4.46 -32.67 11.68
N GLU B 167 -3.38 -32.62 10.88
CA GLU B 167 -2.01 -32.68 11.33
C GLU B 167 -1.60 -31.54 12.28
N GLU B 168 -2.24 -30.37 12.18
CA GLU B 168 -2.16 -29.25 13.14
C GLU B 168 -0.83 -29.18 13.90
N LEU B 169 -0.85 -29.50 15.21
CA LEU B 169 0.26 -29.34 16.12
C LEU B 169 0.33 -27.90 16.62
N ARG B 170 -0.71 -27.50 17.41
CA ARG B 170 -0.66 -26.36 18.31
C ARG B 170 -2.06 -25.75 18.54
N GLY B 175 3.49 -18.82 13.91
CA GLY B 175 2.54 -18.36 12.88
C GLY B 175 1.31 -17.66 13.46
N GLY B 176 1.28 -16.32 13.41
CA GLY B 176 0.20 -15.55 14.02
C GLY B 176 0.09 -14.09 13.55
N VAL B 177 0.19 -13.87 12.24
CA VAL B 177 0.19 -12.59 11.54
C VAL B 177 1.53 -11.87 11.62
N VAL B 178 1.98 -11.44 12.80
CA VAL B 178 3.32 -10.87 12.91
C VAL B 178 4.41 -11.94 12.83
N PHE B 179 4.25 -13.09 13.51
CA PHE B 179 5.31 -14.07 13.51
C PHE B 179 5.29 -14.99 12.30
N SER B 180 4.11 -15.18 11.72
CA SER B 180 4.09 -15.98 10.50
C SER B 180 4.16 -15.08 9.26
N GLN B 181 3.25 -14.10 9.21
CA GLN B 181 2.95 -13.44 7.95
C GLN B 181 3.90 -12.26 7.70
N ALA B 182 4.22 -11.52 8.77
CA ALA B 182 5.08 -10.36 8.73
C ALA B 182 6.52 -10.77 8.47
N ALA B 183 6.89 -11.95 8.97
CA ALA B 183 8.22 -12.47 8.70
C ALA B 183 8.43 -12.61 7.20
N HIS B 184 7.47 -13.25 6.48
CA HIS B 184 7.57 -13.38 5.03
C HIS B 184 7.81 -12.01 4.39
N GLN B 185 6.95 -11.06 4.77
CA GLN B 185 6.97 -9.75 4.14
C GLN B 185 8.31 -9.06 4.39
N VAL B 186 8.68 -8.91 5.69
CA VAL B 186 9.92 -8.28 6.10
C VAL B 186 11.07 -8.94 5.33
N ASP B 187 11.07 -10.27 5.34
CA ASP B 187 12.13 -11.03 4.69
C ASP B 187 12.30 -10.58 3.23
N ILE B 188 11.18 -10.46 2.46
CA ILE B 188 11.26 -10.09 1.05
C ILE B 188 11.81 -8.67 0.91
N VAL B 189 11.26 -7.74 1.71
CA VAL B 189 11.75 -6.38 1.61
C VAL B 189 13.24 -6.33 1.93
N ARG B 190 13.69 -7.09 2.95
CA ARG B 190 15.12 -7.14 3.23
C ARG B 190 15.90 -7.69 2.03
N LEU B 191 15.41 -8.81 1.45
CA LEU B 191 16.07 -9.38 0.28
C LEU B 191 16.27 -8.31 -0.78
N LEU B 192 15.19 -7.59 -1.11
CA LEU B 192 15.20 -6.75 -2.30
C LEU B 192 16.06 -5.51 -2.09
N VAL B 193 15.82 -4.76 -1.01
CA VAL B 193 16.53 -3.53 -0.72
C VAL B 193 18.01 -3.84 -0.52
N GLY B 194 18.30 -4.85 0.29
CA GLY B 194 19.67 -5.29 0.35
C GLY B 194 20.52 -4.45 1.32
N THR B 195 19.93 -3.51 2.05
CA THR B 195 20.64 -2.93 3.19
C THR B 195 19.90 -3.24 4.50
N ARG B 196 20.33 -2.58 5.57
CA ARG B 196 19.97 -2.89 6.94
C ARG B 196 18.80 -2.01 7.41
N VAL B 197 17.86 -2.61 8.14
CA VAL B 197 16.72 -1.88 8.68
C VAL B 197 17.18 -1.16 9.94
N ARG B 198 16.86 0.14 10.04
CA ARG B 198 17.45 1.03 11.02
C ARG B 198 16.35 1.48 11.98
N ARG B 199 15.11 1.58 11.46
CA ARG B 199 13.97 2.06 12.23
C ARG B 199 12.67 1.50 11.67
N VAL B 200 11.74 1.21 12.59
CA VAL B 200 10.44 0.63 12.29
C VAL B 200 9.38 1.46 13.03
N ARG B 201 8.21 1.65 12.41
CA ARG B 201 7.04 2.19 13.08
C ARG B 201 5.80 1.52 12.50
N ALA B 202 4.93 1.00 13.38
CA ALA B 202 3.84 0.10 12.99
C ALA B 202 2.55 0.45 13.72
N ILE B 203 1.39 0.14 13.09
CA ILE B 203 0.11 0.10 13.78
C ILE B 203 -0.49 -1.28 13.55
N THR B 204 -1.10 -1.85 14.60
CA THR B 204 -1.83 -3.10 14.40
C THR B 204 -3.33 -2.85 14.55
N GLY B 205 -4.11 -3.74 13.93
CA GLY B 205 -5.54 -3.73 14.10
C GLY B 205 -5.98 -5.03 14.75
N ASP B 206 -7.05 -4.98 15.56
CA ASP B 206 -7.61 -6.15 16.23
C ASP B 206 -9.09 -5.86 16.45
N TRP B 207 -9.94 -6.32 15.53
CA TRP B 207 -11.29 -5.79 15.53
C TRP B 207 -12.36 -6.88 15.46
N ASP B 208 -11.95 -8.16 15.55
CA ASP B 208 -12.91 -9.24 15.70
C ASP B 208 -12.89 -9.76 17.14
N PRO B 209 -13.97 -9.56 17.95
CA PRO B 209 -13.99 -10.04 19.33
C PRO B 209 -13.96 -11.57 19.44
N MET B 210 -14.63 -12.26 18.50
CA MET B 210 -14.63 -13.71 18.43
C MET B 210 -13.21 -14.25 18.30
N ARG B 211 -12.39 -13.55 17.50
CA ARG B 211 -11.12 -14.07 17.01
C ARG B 211 -10.02 -13.09 17.45
N PRO B 212 -9.86 -12.83 18.77
CA PRO B 212 -9.12 -11.67 19.27
C PRO B 212 -7.60 -11.81 19.20
N THR B 213 -7.05 -11.40 18.06
CA THR B 213 -5.62 -11.35 17.83
C THR B 213 -5.33 -10.11 16.98
N GLN B 214 -4.06 -9.78 16.76
CA GLN B 214 -3.75 -8.75 15.79
C GLN B 214 -3.83 -9.33 14.39
N GLY B 215 -4.87 -8.99 13.63
CA GLY B 215 -5.13 -9.56 12.32
C GLY B 215 -4.78 -8.64 11.16
N ALA B 216 -4.19 -7.47 11.43
CA ALA B 216 -3.81 -6.50 10.42
C ALA B 216 -2.81 -5.49 11.00
N TYR B 217 -2.00 -4.94 10.09
CA TYR B 217 -1.03 -3.92 10.44
C TYR B 217 -0.66 -3.11 9.20
N SER B 218 -0.12 -1.90 9.44
CA SER B 218 0.62 -1.12 8.47
C SER B 218 1.88 -0.61 9.15
N ALA B 219 3.01 -0.61 8.42
CA ALA B 219 4.27 -0.24 9.01
C ALA B 219 5.18 0.53 8.04
N LEU B 220 5.99 1.42 8.61
CA LEU B 220 7.06 2.13 7.93
C LEU B 220 8.37 1.48 8.36
N LEU B 221 9.35 1.42 7.43
CA LEU B 221 10.64 0.79 7.65
C LEU B 221 11.69 1.70 7.00
N TRP B 222 12.70 2.06 7.78
CA TRP B 222 13.80 2.91 7.31
C TRP B 222 15.04 2.06 7.05
N PHE B 223 15.76 2.35 5.96
CA PHE B 223 16.91 1.53 5.60
C PHE B 223 18.18 2.35 5.56
N GLU B 224 19.30 1.69 5.87
CA GLU B 224 20.62 2.22 5.62
C GLU B 224 20.68 2.69 4.16
N GLY B 225 21.03 3.96 3.96
CA GLY B 225 21.30 4.39 2.61
C GLY B 225 20.16 5.19 2.01
N GLY B 226 19.02 5.21 2.72
CA GLY B 226 17.97 6.18 2.46
C GLY B 226 16.69 5.61 1.87
N ALA B 227 16.69 4.33 1.47
CA ALA B 227 15.45 3.74 0.98
C ALA B 227 14.47 3.61 2.15
N PHE B 228 13.18 3.65 1.82
CA PHE B 228 12.14 3.37 2.80
C PHE B 228 11.15 2.38 2.21
N ALA B 229 10.44 1.72 3.12
CA ALA B 229 9.49 0.69 2.75
C ALA B 229 8.20 0.87 3.55
N SER B 230 7.08 0.63 2.85
CA SER B 230 5.77 0.56 3.47
C SER B 230 5.17 -0.83 3.26
N ILE B 231 4.81 -1.49 4.37
CA ILE B 231 4.31 -2.85 4.36
C ILE B 231 2.94 -2.89 5.06
N SER B 232 1.95 -3.47 4.37
CA SER B 232 0.60 -3.64 4.88
C SER B 232 0.15 -5.09 4.81
N TYR B 233 -0.63 -5.49 5.82
CA TYR B 233 -1.21 -6.82 5.86
C TYR B 233 -2.56 -6.82 6.57
N ASN B 234 -3.50 -7.53 5.93
CA ASN B 234 -4.84 -7.75 6.44
C ASN B 234 -5.20 -9.22 6.21
N GLY B 235 -5.68 -9.90 7.26
CA GLY B 235 -5.97 -11.32 7.16
C GLY B 235 -7.39 -11.70 7.62
N TYR B 236 -8.34 -10.77 7.48
CA TYR B 236 -9.72 -10.98 7.86
C TYR B 236 -10.54 -11.46 6.64
N GLY B 237 -9.82 -11.79 5.58
CA GLY B 237 -10.36 -12.47 4.41
C GLY B 237 -11.60 -11.84 3.81
N HIS B 238 -11.54 -10.56 3.43
CA HIS B 238 -12.60 -10.01 2.58
C HIS B 238 -12.06 -9.78 1.17
N PHE B 239 -11.46 -8.62 0.93
CA PHE B 239 -10.70 -8.41 -0.29
C PHE B 239 -9.58 -9.44 -0.37
N ASP B 240 -9.25 -9.85 -1.60
CA ASP B 240 -8.21 -10.83 -1.81
C ASP B 240 -7.21 -10.38 -2.89
N SER B 241 -6.02 -9.98 -2.43
CA SER B 241 -5.02 -9.29 -3.24
C SER B 241 -4.45 -10.15 -4.37
N ASP B 242 -4.77 -11.45 -4.42
CA ASP B 242 -4.27 -12.30 -5.50
C ASP B 242 -4.77 -11.77 -6.84
N GLU B 243 -5.92 -11.12 -6.80
CA GLU B 243 -6.50 -10.41 -7.92
C GLU B 243 -5.47 -9.50 -8.60
N TRP B 244 -4.48 -9.03 -7.82
CA TRP B 244 -3.45 -8.10 -8.30
C TRP B 244 -2.11 -8.81 -8.54
N CYS B 245 -2.16 -10.15 -8.56
CA CYS B 245 -1.03 -10.99 -8.92
C CYS B 245 -1.48 -12.00 -9.97
N ASP B 246 -2.17 -11.52 -11.02
CA ASP B 246 -2.53 -12.34 -12.17
C ASP B 246 -3.39 -13.51 -11.74
N TRP B 247 -4.06 -13.38 -10.59
CA TRP B 247 -4.93 -14.40 -10.03
C TRP B 247 -4.22 -15.73 -9.77
N ILE B 248 -2.97 -15.68 -9.29
CA ILE B 248 -2.28 -16.88 -8.85
C ILE B 248 -2.20 -16.86 -7.32
N GLY B 249 -2.37 -18.03 -6.69
CA GLY B 249 -2.38 -18.18 -5.24
C GLY B 249 -0.98 -18.23 -4.59
N GLU B 250 -0.95 -18.19 -3.25
CA GLU B 250 0.30 -18.19 -2.51
C GLU B 250 1.16 -19.40 -2.87
N MET B 251 0.51 -20.56 -3.03
CA MET B 251 1.20 -21.80 -3.35
C MET B 251 1.17 -22.06 -4.86
N GLY B 252 0.90 -21.02 -5.67
CA GLY B 252 1.23 -21.11 -7.08
C GLY B 252 0.06 -21.55 -7.95
N GLY B 253 -1.06 -21.93 -7.33
CA GLY B 253 -2.24 -22.36 -8.05
C GLY B 253 -2.98 -21.21 -8.72
N ASP B 254 -3.88 -21.58 -9.65
CA ASP B 254 -4.75 -20.68 -10.40
C ASP B 254 -6.08 -20.46 -9.67
N LYS B 255 -6.64 -19.25 -9.75
CA LYS B 255 -7.78 -18.86 -8.93
C LYS B 255 -8.83 -18.12 -9.75
N SER B 256 -8.77 -18.21 -11.09
CA SER B 256 -9.81 -17.72 -11.99
C SER B 256 -11.14 -17.57 -11.27
N PRO B 299 0.28 -27.80 -14.01
CA PRO B 299 1.09 -26.80 -14.75
C PRO B 299 1.24 -25.46 -14.02
N ILE B 300 1.55 -25.53 -12.71
CA ILE B 300 1.43 -24.42 -11.77
C ILE B 300 2.64 -23.48 -11.77
N TRP B 301 2.61 -22.42 -10.94
CA TRP B 301 3.51 -21.29 -11.07
C TRP B 301 4.25 -21.04 -9.76
N HIS B 302 5.03 -19.96 -9.70
CA HIS B 302 5.86 -19.76 -8.52
C HIS B 302 5.04 -19.33 -7.31
N GLN B 303 5.62 -19.57 -6.12
CA GLN B 303 5.01 -19.11 -4.89
C GLN B 303 5.29 -17.63 -4.76
N HIS B 304 4.38 -16.90 -4.08
CA HIS B 304 4.52 -15.47 -3.84
C HIS B 304 3.68 -15.06 -2.64
N PHE B 305 3.85 -13.79 -2.23
CA PHE B 305 3.29 -13.31 -0.98
C PHE B 305 2.74 -11.90 -1.15
N GLY B 306 1.97 -11.67 -2.22
CA GLY B 306 1.15 -10.47 -2.35
C GLY B 306 1.79 -9.44 -3.26
N PRO B 307 1.06 -8.35 -3.65
CA PRO B 307 1.62 -7.27 -4.49
C PRO B 307 2.79 -6.50 -3.88
N ILE B 308 3.89 -6.45 -4.63
CA ILE B 308 5.08 -5.72 -4.20
C ILE B 308 5.58 -4.90 -5.39
N VAL B 309 5.90 -3.63 -5.10
CA VAL B 309 6.42 -2.71 -6.11
C VAL B 309 7.77 -2.16 -5.63
N VAL B 310 8.80 -2.39 -6.44
CA VAL B 310 10.13 -1.93 -6.09
C VAL B 310 10.44 -0.67 -6.89
N SER B 311 10.63 0.44 -6.16
CA SER B 311 11.00 1.70 -6.79
C SER B 311 12.51 1.95 -6.71
N CYS B 312 13.20 1.77 -7.84
CA CYS B 312 14.61 2.17 -7.99
C CYS B 312 14.68 3.53 -8.69
N GLU B 313 15.90 4.11 -8.71
CA GLU B 313 16.17 5.45 -9.22
C GLU B 313 15.68 5.62 -10.64
N ARG B 314 15.84 4.61 -11.46
CA ARG B 314 15.57 4.72 -12.88
C ARG B 314 14.39 3.84 -13.29
N GLY B 315 13.72 3.20 -12.33
CA GLY B 315 12.57 2.39 -12.74
C GLY B 315 11.94 1.60 -11.61
N ASP B 316 10.84 0.94 -11.97
CA ASP B 316 10.05 0.13 -11.04
C ASP B 316 10.16 -1.33 -11.46
N ILE B 317 10.19 -2.20 -10.43
CA ILE B 317 10.25 -3.65 -10.62
C ILE B 317 9.05 -4.24 -9.89
N ARG B 318 8.30 -5.07 -10.64
CA ARG B 318 7.12 -5.76 -10.13
C ARG B 318 7.20 -7.28 -10.28
N PRO B 319 7.62 -8.02 -9.22
CA PRO B 319 7.64 -9.50 -9.26
C PRO B 319 6.25 -10.13 -9.25
N LEU B 320 6.02 -10.94 -10.28
CA LEU B 320 4.81 -11.76 -10.38
C LEU B 320 5.16 -13.24 -10.26
N PRO B 321 4.17 -14.12 -9.97
CA PRO B 321 4.43 -15.56 -9.94
C PRO B 321 4.83 -16.16 -11.30
N ASP B 322 4.48 -15.46 -12.40
CA ASP B 322 4.76 -15.95 -13.75
C ASP B 322 5.65 -15.00 -14.55
N SER B 323 6.19 -13.94 -13.92
CA SER B 323 7.11 -13.04 -14.62
C SER B 323 7.65 -11.98 -13.67
N VAL B 324 8.57 -11.14 -14.21
CA VAL B 324 8.96 -9.89 -13.58
C VAL B 324 8.73 -8.75 -14.56
N CYS B 325 7.79 -7.87 -14.20
CA CYS B 325 7.56 -6.65 -14.95
C CYS B 325 8.55 -5.57 -14.51
N VAL B 326 9.23 -4.98 -15.50
CA VAL B 326 10.14 -3.85 -15.33
C VAL B 326 9.57 -2.66 -16.10
N TYR B 327 9.45 -1.53 -15.39
CA TYR B 327 8.97 -0.30 -15.98
C TYR B 327 10.15 0.68 -15.97
N ALA B 328 10.63 1.03 -17.17
CA ALA B 328 11.79 1.90 -17.20
C ALA B 328 11.53 3.12 -18.07
N ASP B 329 12.59 3.94 -18.22
CA ASP B 329 12.57 5.18 -18.96
C ASP B 329 12.37 4.89 -20.45
N LEU B 330 12.93 3.78 -20.96
CA LEU B 330 12.76 3.43 -22.36
C LEU B 330 11.38 2.81 -22.59
N ALA B 331 11.22 1.55 -22.19
CA ALA B 331 9.94 0.86 -22.31
C ALA B 331 9.58 0.19 -20.98
N LYS B 332 8.57 -0.68 -21.05
CA LYS B 332 7.99 -1.46 -19.96
C LYS B 332 7.90 -2.90 -20.44
N GLU B 333 8.35 -3.86 -19.61
CA GLU B 333 8.62 -5.21 -20.09
C GLU B 333 8.05 -6.24 -19.13
N ARG B 334 7.48 -7.29 -19.70
CA ARG B 334 7.23 -8.52 -18.97
C ARG B 334 8.38 -9.49 -19.25
N ARG B 335 9.34 -9.57 -18.31
CA ARG B 335 10.44 -10.51 -18.42
C ARG B 335 9.97 -11.89 -17.94
N SER B 336 10.10 -12.88 -18.84
CA SER B 336 9.57 -14.22 -18.66
C SER B 336 10.31 -14.98 -17.56
N LEU B 337 9.58 -15.86 -16.84
CA LEU B 337 10.21 -16.77 -15.90
C LEU B 337 9.79 -18.17 -16.33
N GLN B 338 10.47 -19.17 -15.74
CA GLN B 338 10.28 -20.56 -16.11
C GLN B 338 9.37 -21.23 -15.07
N ARG B 339 8.41 -22.04 -15.54
CA ARG B 339 7.55 -22.77 -14.62
C ARG B 339 8.44 -23.62 -13.72
N PRO B 340 8.33 -23.52 -12.37
CA PRO B 340 9.15 -24.35 -11.48
C PRO B 340 8.74 -25.81 -11.62
N VAL B 341 9.72 -26.71 -11.68
CA VAL B 341 9.40 -28.10 -11.92
C VAL B 341 9.14 -28.78 -10.58
N VAL B 342 9.74 -28.23 -9.52
CA VAL B 342 9.55 -28.70 -8.17
C VAL B 342 9.21 -27.50 -7.29
N PRO B 343 8.04 -27.49 -6.61
CA PRO B 343 7.68 -26.39 -5.71
C PRO B 343 8.72 -26.16 -4.59
N ARG B 344 9.16 -24.91 -4.42
CA ARG B 344 10.12 -24.50 -3.39
C ARG B 344 11.48 -25.16 -3.55
N PHE B 345 11.80 -25.54 -4.79
CA PHE B 345 13.12 -26.03 -5.14
C PHE B 345 14.22 -25.08 -4.67
N GLU B 346 13.94 -23.78 -4.52
CA GLU B 346 15.01 -22.85 -4.20
C GLU B 346 15.44 -23.03 -2.74
N VAL B 347 14.54 -23.57 -1.92
CA VAL B 347 14.88 -23.91 -0.55
C VAL B 347 15.84 -25.09 -0.57
N ILE B 348 15.55 -26.09 -1.43
CA ILE B 348 16.38 -27.29 -1.50
C ILE B 348 17.74 -26.96 -2.13
N ASP B 349 17.77 -26.08 -3.15
CA ASP B 349 19.03 -25.66 -3.73
C ASP B 349 19.92 -25.12 -2.63
N GLU B 350 19.34 -24.26 -1.79
CA GLU B 350 20.12 -23.56 -0.79
C GLU B 350 20.64 -24.56 0.23
N LEU B 351 19.87 -25.61 0.53
CA LEU B 351 20.29 -26.60 1.50
C LEU B 351 21.31 -27.55 0.88
N TYR B 352 20.98 -28.10 -0.31
CA TYR B 352 21.79 -29.05 -1.04
C TYR B 352 23.18 -28.49 -1.35
N HIS B 353 23.25 -27.26 -1.89
CA HIS B 353 24.56 -26.61 -2.04
C HIS B 353 25.23 -26.27 -0.71
N ALA B 354 24.48 -26.17 0.40
CA ALA B 354 25.12 -25.94 1.70
C ALA B 354 25.87 -27.20 2.16
N VAL B 355 25.26 -28.37 1.97
CA VAL B 355 25.68 -29.61 2.64
C VAL B 355 26.70 -30.30 1.74
N VAL B 356 26.35 -30.48 0.46
CA VAL B 356 27.13 -31.19 -0.54
C VAL B 356 28.34 -30.38 -1.02
N ASN B 357 28.19 -29.06 -1.23
CA ASN B 357 29.21 -28.25 -1.87
C ASN B 357 29.70 -27.12 -0.99
N GLU B 358 29.30 -27.10 0.28
CA GLU B 358 29.82 -26.15 1.25
C GLU B 358 29.56 -24.68 0.89
N ILE B 359 28.67 -24.41 -0.08
CA ILE B 359 28.36 -23.03 -0.46
C ILE B 359 27.56 -22.38 0.65
N LYS B 360 28.04 -21.23 1.14
CA LYS B 360 27.32 -20.47 2.15
C LYS B 360 25.87 -20.24 1.71
N PRO B 361 24.87 -20.61 2.54
CA PRO B 361 23.49 -20.30 2.18
C PRO B 361 23.19 -18.85 2.57
N LEU B 362 22.26 -18.21 1.85
CA LEU B 362 21.82 -16.89 2.20
C LEU B 362 20.91 -16.90 3.42
N HIS B 363 19.80 -17.66 3.34
CA HIS B 363 18.83 -17.70 4.43
C HIS B 363 19.43 -18.46 5.62
N ASP B 364 20.53 -17.95 6.15
CA ASP B 364 21.25 -18.58 7.25
C ASP B 364 20.67 -18.10 8.59
N GLY B 365 21.31 -18.54 9.68
CA GLY B 365 20.81 -18.25 11.00
C GLY B 365 21.00 -16.77 11.36
N VAL B 366 22.10 -16.18 10.88
CA VAL B 366 22.40 -14.79 11.11
C VAL B 366 21.31 -13.93 10.44
N TRP B 367 20.88 -14.36 9.25
CA TRP B 367 19.89 -13.69 8.41
C TRP B 367 18.50 -13.78 9.03
N ALA B 368 18.05 -15.03 9.27
CA ALA B 368 16.72 -15.32 9.81
C ALA B 368 16.51 -14.46 11.04
N ARG B 369 17.57 -14.42 11.89
CA ARG B 369 17.64 -13.68 13.14
C ARG B 369 17.32 -12.21 12.96
N ALA B 370 17.95 -11.54 11.98
CA ALA B 370 17.71 -10.15 11.63
C ALA B 370 16.22 -9.87 11.32
N THR B 371 15.56 -10.78 10.61
CA THR B 371 14.12 -10.68 10.35
C THR B 371 13.35 -10.66 11.67
N LEU B 372 13.69 -11.59 12.57
CA LEU B 372 13.02 -11.73 13.86
C LEU B 372 13.06 -10.38 14.57
N GLU B 373 14.24 -9.74 14.48
CA GLU B 373 14.50 -8.47 15.13
C GLU B 373 13.47 -7.45 14.64
N VAL B 374 13.27 -7.39 13.32
CA VAL B 374 12.34 -6.45 12.72
C VAL B 374 10.92 -6.79 13.19
N CYS B 375 10.61 -8.09 13.28
CA CYS B 375 9.27 -8.49 13.68
C CYS B 375 9.04 -8.12 15.13
N LEU B 376 10.06 -8.33 15.97
CA LEU B 376 9.98 -7.94 17.38
C LEU B 376 9.78 -6.45 17.48
N ALA B 377 10.58 -5.67 16.73
CA ALA B 377 10.54 -4.21 16.70
C ALA B 377 9.15 -3.69 16.32
N LEU B 378 8.60 -4.28 15.26
CA LEU B 378 7.26 -4.09 14.74
C LEU B 378 6.23 -4.23 15.85
N LEU B 379 6.17 -5.42 16.45
CA LEU B 379 5.29 -5.71 17.57
C LEU B 379 5.51 -4.71 18.71
N ASP B 380 6.77 -4.37 19.02
CA ASP B 380 7.04 -3.45 20.10
C ASP B 380 6.51 -2.08 19.76
N SER B 381 6.77 -1.60 18.53
CA SER B 381 6.31 -0.28 18.10
C SER B 381 4.79 -0.15 18.19
N ALA B 382 4.05 -1.14 17.67
CA ALA B 382 2.58 -1.13 17.72
C ALA B 382 2.06 -1.22 19.16
N GLY B 383 2.85 -1.77 20.09
CA GLY B 383 2.46 -1.99 21.47
C GLY B 383 2.63 -0.74 22.34
N SER B 384 3.83 -0.14 22.32
CA SER B 384 3.97 1.23 22.75
C SER B 384 3.42 2.08 21.61
N GLY B 385 3.66 3.39 21.62
CA GLY B 385 3.30 4.16 20.45
C GLY B 385 4.54 4.88 19.92
N LYS B 386 5.64 4.15 19.83
CA LYS B 386 6.93 4.78 19.60
C LYS B 386 7.65 4.07 18.46
N ASP B 387 8.47 4.84 17.73
CA ASP B 387 9.50 4.34 16.86
C ASP B 387 10.38 3.32 17.57
N VAL B 388 10.88 2.31 16.84
CA VAL B 388 11.92 1.44 17.39
C VAL B 388 13.14 1.48 16.49
N GLU B 389 14.28 1.90 17.06
CA GLU B 389 15.56 1.95 16.37
C GLU B 389 16.30 0.64 16.60
N LEU B 390 16.99 0.15 15.55
CA LEU B 390 17.66 -1.15 15.58
C LEU B 390 19.17 -0.96 15.54
N PRO B 391 19.93 -1.74 16.37
CA PRO B 391 21.37 -1.52 16.58
C PRO B 391 22.27 -1.08 15.42
#